data_7UXZ
#
_entry.id   7UXZ
#
_cell.length_a   43.669
_cell.length_b   120.655
_cell.length_c   128.503
_cell.angle_alpha   90.000
_cell.angle_beta   90.000
_cell.angle_gamma   90.000
#
_symmetry.space_group_name_H-M   'P 21 21 21'
#
loop_
_entity.id
_entity.type
_entity.pdbx_description
1 polymer Nucleoprotein
2 non-polymer '(2R,3R)-2,3-bis{[(2E)-3-(3,4-dihydroxyphenyl)prop-2-enoyl]oxy}butanedioic acid'
3 non-polymer DI(HYDROXYETHYL)ETHER
4 non-polymer GLYCEROL
5 non-polymer 'SODIUM ION'
6 non-polymer 'CHLORIDE ION'
7 water water
#
_entity_poly.entity_id   1
_entity_poly.type   'polypeptide(L)'
_entity_poly.pdbx_seq_one_letter_code
;AAEASKKPRQKRTATKAYNVTQAFGRRGPEQTQGNFGDQELIRQGTDYKHWPQIAQFAPSASAFFGMSRIGMEVTPSGTW
LTYTGAIKLDDKDPNFKDQVILLNKHIDAYKTFP
;
_entity_poly.pdbx_strand_id   AAA,BBB,CCC,DDD,EEE,FFF
#
loop_
_chem_comp.id
_chem_comp.type
_chem_comp.name
_chem_comp.formula
CL non-polymer 'CHLORIDE ION' 'Cl -1'
GKP non-polymer '(2R,3R)-2,3-bis{[(2E)-3-(3,4-dihydroxyphenyl)prop-2-enoyl]oxy}butanedioic acid' 'C22 H18 O12'
GOL non-polymer GLYCEROL 'C3 H8 O3'
NA non-polymer 'SODIUM ION' 'Na 1'
PEG non-polymer DI(HYDROXYETHYL)ETHER 'C4 H10 O3'
#
# COMPACT_ATOMS: atom_id res chain seq x y z
N LYS A 6 -2.95 -11.35 -31.89
CA LYS A 6 -3.56 -10.19 -31.18
C LYS A 6 -4.30 -10.70 -29.92
N LYS A 7 -4.20 -9.95 -28.84
CA LYS A 7 -4.84 -10.29 -27.53
C LYS A 7 -6.35 -10.35 -27.70
N PRO A 8 -7.06 -11.08 -26.80
CA PRO A 8 -8.51 -10.94 -26.72
C PRO A 8 -8.80 -9.45 -26.46
N ARG A 9 -9.87 -8.94 -27.05
CA ARG A 9 -10.28 -7.51 -26.95
C ARG A 9 -10.14 -6.97 -25.51
N GLN A 10 -10.62 -7.70 -24.49
CA GLN A 10 -10.63 -7.18 -23.10
C GLN A 10 -9.21 -7.02 -22.53
N LYS A 11 -8.19 -7.66 -23.12
CA LYS A 11 -6.80 -7.54 -22.63
C LYS A 11 -5.98 -6.53 -23.47
N ARG A 12 -6.59 -5.90 -24.46
CA ARG A 12 -5.83 -4.98 -25.36
C ARG A 12 -5.48 -3.73 -24.57
N THR A 13 -4.37 -3.10 -24.99
CA THR A 13 -3.91 -1.80 -24.48
C THR A 13 -3.79 -0.86 -25.68
N ALA A 14 -4.58 0.22 -25.73
CA ALA A 14 -4.45 1.19 -26.83
C ALA A 14 -3.21 2.06 -26.56
N THR A 15 -2.47 2.39 -27.64
CA THR A 15 -1.27 3.28 -27.62
C THR A 15 -1.28 4.13 -28.89
N LYS A 16 -0.28 5.00 -29.10
CA LYS A 16 -0.23 5.80 -30.36
C LYS A 16 -0.15 4.85 -31.57
N ALA A 17 0.45 3.67 -31.41
CA ALA A 17 0.74 2.71 -32.53
C ALA A 17 -0.45 1.79 -32.77
N TYR A 18 -1.31 1.65 -31.76
CA TYR A 18 -2.47 0.74 -31.78
C TYR A 18 -3.57 1.43 -30.97
N ASN A 19 -4.32 2.30 -31.64
CA ASN A 19 -5.08 3.37 -30.97
C ASN A 19 -6.45 2.83 -30.54
N VAL A 20 -7.28 3.71 -30.00
CA VAL A 20 -8.55 3.25 -29.37
C VAL A 20 -9.45 2.71 -30.49
N THR A 21 -9.44 3.37 -31.65
CA THR A 21 -10.28 2.93 -32.80
C THR A 21 -9.84 1.53 -33.24
N GLN A 22 -8.52 1.30 -33.32
CA GLN A 22 -7.93 0.03 -33.84
C GLN A 22 -8.25 -1.08 -32.84
N ALA A 23 -8.00 -0.80 -31.56
CA ALA A 23 -8.17 -1.78 -30.45
C ALA A 23 -9.66 -2.07 -30.17
N PHE A 24 -10.52 -1.04 -30.12
CA PHE A 24 -11.86 -1.12 -29.54
C PHE A 24 -12.95 -0.63 -30.50
N GLY A 25 -12.63 -0.30 -31.76
CA GLY A 25 -13.68 0.16 -32.69
C GLY A 25 -13.95 1.65 -32.54
N ARG A 26 -14.55 2.24 -33.57
CA ARG A 26 -14.95 3.67 -33.51
C ARG A 26 -15.93 3.91 -32.34
N ARG A 27 -15.88 5.12 -31.81
CA ARG A 27 -16.84 5.58 -30.79
C ARG A 27 -18.20 5.76 -31.46
N GLY A 28 -19.28 5.47 -30.76
CA GLY A 28 -20.61 5.75 -31.33
C GLY A 28 -21.74 5.54 -30.34
N PRO A 29 -23.01 5.69 -30.78
CA PRO A 29 -24.16 5.68 -29.88
C PRO A 29 -24.77 4.28 -29.66
N GLU A 30 -24.35 3.27 -30.40
CA GLU A 30 -25.00 1.94 -30.31
C GLU A 30 -24.53 1.27 -29.02
N GLN A 31 -25.36 0.38 -28.46
CA GLN A 31 -25.07 -0.25 -27.14
C GLN A 31 -23.83 -1.15 -27.25
N THR A 32 -23.43 -1.59 -28.45
CA THR A 32 -22.26 -2.47 -28.70
C THR A 32 -20.96 -1.67 -28.88
N GLN A 33 -21.05 -0.34 -28.98
CA GLN A 33 -19.88 0.55 -29.23
C GLN A 33 -19.47 1.18 -27.90
N GLY A 34 -18.18 1.44 -27.73
CA GLY A 34 -17.70 2.39 -26.69
C GLY A 34 -18.09 3.82 -27.05
N ASN A 35 -18.29 4.67 -26.05
CA ASN A 35 -18.68 6.09 -26.25
C ASN A 35 -17.63 7.03 -25.65
N PHE A 36 -16.57 6.49 -25.06
CA PHE A 36 -15.61 7.28 -24.25
C PHE A 36 -14.38 7.65 -25.07
N GLY A 37 -14.07 8.95 -25.09
CA GLY A 37 -12.75 9.47 -25.49
C GLY A 37 -12.86 10.58 -26.52
N ASP A 38 -12.10 11.64 -26.27
CA ASP A 38 -12.01 12.79 -27.19
C ASP A 38 -10.96 12.43 -28.25
N GLN A 39 -10.67 13.36 -29.16
CA GLN A 39 -9.86 13.02 -30.35
C GLN A 39 -8.42 12.69 -29.89
N GLU A 40 -7.97 13.34 -28.82
CA GLU A 40 -6.61 13.16 -28.28
C GLU A 40 -6.49 11.79 -27.59
N LEU A 41 -7.46 11.40 -26.75
CA LEU A 41 -7.38 10.08 -26.08
C LEU A 41 -7.54 8.98 -27.14
N ILE A 42 -8.40 9.16 -28.13
CA ILE A 42 -8.60 8.12 -29.17
C ILE A 42 -7.26 7.86 -29.88
N ARG A 43 -6.52 8.90 -30.20
CA ARG A 43 -5.29 8.80 -31.02
CA ARG A 43 -5.28 8.81 -31.01
C ARG A 43 -4.16 8.26 -30.13
N GLN A 44 -4.14 8.59 -28.83
CA GLN A 44 -2.98 8.27 -27.97
C GLN A 44 -3.15 7.05 -27.05
N GLY A 45 -4.39 6.61 -26.80
CA GLY A 45 -4.66 5.57 -25.79
C GLY A 45 -3.93 5.83 -24.50
N THR A 46 -3.15 4.86 -24.04
CA THR A 46 -2.47 4.95 -22.72
C THR A 46 -1.25 5.88 -22.80
N ASP A 47 -0.87 6.38 -24.00
CA ASP A 47 0.13 7.48 -24.09
C ASP A 47 -0.54 8.83 -23.78
N TYR A 48 -1.87 8.88 -23.68
CA TYR A 48 -2.59 10.16 -23.36
C TYR A 48 -1.99 10.80 -22.10
N LYS A 49 -1.77 12.12 -22.17
CA LYS A 49 -1.10 12.87 -21.06
C LYS A 49 -1.87 12.71 -19.75
N HIS A 50 -3.20 12.57 -19.78
CA HIS A 50 -3.99 12.43 -18.52
C HIS A 50 -4.48 11.00 -18.31
N TRP A 51 -3.86 10.02 -18.93
CA TRP A 51 -4.34 8.60 -18.82
C TRP A 51 -4.44 8.17 -17.35
N PRO A 52 -3.42 8.39 -16.47
CA PRO A 52 -3.52 7.96 -15.08
C PRO A 52 -4.79 8.46 -14.38
N GLN A 53 -5.22 9.70 -14.67
CA GLN A 53 -6.38 10.33 -13.99
C GLN A 53 -7.67 9.65 -14.49
N ILE A 54 -7.64 9.04 -15.66
CA ILE A 54 -8.79 8.22 -16.15
C ILE A 54 -8.68 6.82 -15.56
N ALA A 55 -7.49 6.21 -15.67
CA ALA A 55 -7.29 4.80 -15.27
C ALA A 55 -7.61 4.61 -13.77
N GLN A 56 -7.54 5.66 -12.95
CA GLN A 56 -7.84 5.60 -11.49
C GLN A 56 -9.27 5.09 -11.25
N PHE A 57 -10.15 5.23 -12.26
CA PHE A 57 -11.56 4.79 -12.14
C PHE A 57 -11.76 3.36 -12.64
N ALA A 58 -10.79 2.79 -13.35
CA ALA A 58 -10.94 1.44 -13.96
C ALA A 58 -10.84 0.40 -12.85
N PRO A 59 -11.67 -0.65 -12.89
CA PRO A 59 -11.61 -1.67 -11.84
C PRO A 59 -10.46 -2.69 -12.00
N SER A 60 -9.87 -3.04 -10.88
CA SER A 60 -9.02 -4.25 -10.73
C SER A 60 -9.84 -5.47 -11.20
N ALA A 61 -9.18 -6.56 -11.57
CA ALA A 61 -9.83 -7.83 -11.92
C ALA A 61 -10.78 -8.22 -10.77
N SER A 62 -10.30 -8.09 -9.53
CA SER A 62 -11.07 -8.49 -8.32
C SER A 62 -12.33 -7.61 -8.21
N ALA A 63 -12.16 -6.29 -8.34
CA ALA A 63 -13.28 -5.32 -8.27
C ALA A 63 -14.22 -5.51 -9.46
N PHE A 64 -13.71 -5.85 -10.63
CA PHE A 64 -14.61 -5.98 -11.81
C PHE A 64 -15.62 -7.10 -11.52
N PHE A 65 -15.15 -8.23 -11.01
CA PHE A 65 -16.02 -9.38 -10.68
C PHE A 65 -16.69 -9.21 -9.32
N GLY A 66 -16.17 -8.35 -8.41
CA GLY A 66 -16.80 -8.11 -7.11
C GLY A 66 -17.90 -7.08 -7.13
N MET A 67 -17.74 -5.99 -7.88
CA MET A 67 -18.69 -4.85 -7.88
C MET A 67 -19.77 -5.03 -8.94
N SER A 68 -19.45 -5.68 -10.05
CA SER A 68 -20.33 -5.67 -11.25
C SER A 68 -21.51 -6.62 -11.12
N ARG A 69 -22.56 -6.29 -11.87
CA ARG A 69 -23.64 -7.25 -12.22
C ARG A 69 -23.14 -8.00 -13.43
N ILE A 70 -22.90 -9.31 -13.27
CA ILE A 70 -22.32 -10.15 -14.34
C ILE A 70 -23.44 -11.05 -14.88
N GLY A 71 -23.47 -11.22 -16.19
CA GLY A 71 -24.46 -12.09 -16.84
C GLY A 71 -23.83 -12.84 -17.98
N MET A 72 -24.56 -13.81 -18.53
CA MET A 72 -24.12 -14.50 -19.74
C MET A 72 -25.29 -14.51 -20.73
N GLU A 73 -25.08 -13.99 -21.95
CA GLU A 73 -26.12 -13.95 -23.02
C GLU A 73 -25.65 -14.78 -24.20
N VAL A 74 -26.51 -15.69 -24.67
CA VAL A 74 -26.26 -16.49 -25.90
C VAL A 74 -27.13 -15.90 -27.00
N THR A 75 -26.52 -15.26 -28.00
CA THR A 75 -27.20 -14.60 -29.13
C THR A 75 -26.69 -15.19 -30.44
N PRO A 76 -27.25 -14.79 -31.60
CA PRO A 76 -26.77 -15.24 -32.92
C PRO A 76 -25.28 -14.97 -33.17
N SER A 77 -24.73 -13.93 -32.55
CA SER A 77 -23.30 -13.51 -32.71
C SER A 77 -22.35 -14.31 -31.77
N GLY A 78 -22.87 -15.06 -30.81
CA GLY A 78 -22.05 -15.91 -29.91
C GLY A 78 -22.45 -15.81 -28.44
N THR A 79 -21.51 -16.12 -27.56
CA THR A 79 -21.74 -16.12 -26.09
C THR A 79 -20.97 -14.93 -25.50
N TRP A 80 -21.66 -14.12 -24.71
CA TRP A 80 -21.20 -12.82 -24.16
C TRP A 80 -21.26 -12.83 -22.64
N LEU A 81 -20.21 -12.36 -21.98
CA LEU A 81 -20.23 -12.03 -20.55
C LEU A 81 -20.64 -10.57 -20.45
N THR A 82 -21.81 -10.31 -19.89
CA THR A 82 -22.34 -8.93 -19.74
C THR A 82 -21.85 -8.36 -18.41
N TYR A 83 -21.61 -7.04 -18.35
CA TYR A 83 -21.22 -6.40 -17.08
C TYR A 83 -21.88 -5.03 -16.99
N THR A 84 -22.37 -4.69 -15.79
CA THR A 84 -22.88 -3.34 -15.50
C THR A 84 -22.48 -2.95 -14.07
N GLY A 85 -22.37 -1.66 -13.82
CA GLY A 85 -22.12 -1.21 -12.44
C GLY A 85 -21.94 0.27 -12.39
N ALA A 86 -21.51 0.75 -11.23
CA ALA A 86 -21.40 2.20 -10.99
C ALA A 86 -20.31 2.40 -9.96
N ILE A 87 -19.45 3.35 -10.23
CA ILE A 87 -18.30 3.66 -9.35
C ILE A 87 -18.51 5.06 -8.81
N LYS A 88 -18.44 5.20 -7.49
N LYS A 88 -18.51 5.21 -7.48
CA LYS A 88 -18.69 6.48 -6.80
CA LYS A 88 -18.77 6.52 -6.84
C LYS A 88 -17.41 7.31 -6.80
C LYS A 88 -17.46 7.32 -6.77
N LEU A 89 -17.49 8.56 -7.24
CA LEU A 89 -16.35 9.50 -7.07
C LEU A 89 -16.28 9.92 -5.60
N ASP A 90 -15.08 10.20 -5.12
CA ASP A 90 -14.84 10.65 -3.73
C ASP A 90 -14.91 12.19 -3.69
N ASP A 91 -16.01 12.75 -3.17
CA ASP A 91 -16.24 14.22 -3.22
CA ASP A 91 -16.30 14.21 -3.16
C ASP A 91 -15.30 14.91 -2.23
N LYS A 92 -14.60 14.14 -1.39
CA LYS A 92 -13.56 14.64 -0.44
C LYS A 92 -12.17 14.63 -1.09
N ASP A 93 -12.02 13.97 -2.24
CA ASP A 93 -10.76 14.03 -3.02
C ASP A 93 -10.58 15.49 -3.44
N PRO A 94 -9.42 16.12 -3.12
CA PRO A 94 -9.17 17.49 -3.55
C PRO A 94 -9.21 17.64 -5.09
N ASN A 95 -8.96 16.57 -5.83
CA ASN A 95 -9.00 16.53 -7.31
C ASN A 95 -10.40 16.26 -7.88
N PHE A 96 -11.44 16.15 -7.05
CA PHE A 96 -12.84 15.86 -7.50
C PHE A 96 -13.24 16.76 -8.68
N LYS A 97 -13.16 18.09 -8.54
CA LYS A 97 -13.65 19.01 -9.60
C LYS A 97 -12.85 18.78 -10.90
N ASP A 98 -11.55 18.50 -10.82
CA ASP A 98 -10.76 18.21 -12.04
C ASP A 98 -11.21 16.85 -12.62
N GLN A 99 -11.55 15.89 -11.79
CA GLN A 99 -12.00 14.56 -12.29
C GLN A 99 -13.32 14.74 -13.05
N VAL A 100 -14.22 15.59 -12.55
CA VAL A 100 -15.52 15.80 -13.23
C VAL A 100 -15.27 16.43 -14.61
N ILE A 101 -14.37 17.40 -14.68
CA ILE A 101 -14.06 18.14 -15.94
C ILE A 101 -13.46 17.14 -16.93
N LEU A 102 -12.50 16.34 -16.47
CA LEU A 102 -11.81 15.36 -17.35
C LEU A 102 -12.83 14.35 -17.88
N LEU A 103 -13.70 13.81 -17.03
CA LEU A 103 -14.67 12.79 -17.51
C LEU A 103 -15.66 13.42 -18.48
N ASN A 104 -16.11 14.66 -18.23
CA ASN A 104 -17.05 15.40 -19.10
C ASN A 104 -16.41 15.67 -20.48
N LYS A 105 -15.08 15.84 -20.54
CA LYS A 105 -14.35 16.06 -21.82
C LYS A 105 -14.42 14.80 -22.71
N HIS A 106 -14.58 13.62 -22.14
CA HIS A 106 -14.43 12.33 -22.88
C HIS A 106 -15.73 11.60 -23.09
N ILE A 107 -16.69 11.70 -22.17
CA ILE A 107 -17.97 10.98 -22.34
C ILE A 107 -18.74 11.56 -23.52
N ASP A 108 -19.00 10.73 -24.54
CA ASP A 108 -19.74 11.12 -25.78
C ASP A 108 -19.05 12.25 -26.53
N ALA A 109 -17.73 12.43 -26.34
CA ALA A 109 -16.97 13.46 -27.07
C ALA A 109 -17.14 13.28 -28.59
N TYR A 110 -17.28 12.03 -29.07
CA TYR A 110 -17.40 11.73 -30.54
C TYR A 110 -18.54 12.53 -31.20
N LYS A 111 -19.57 12.94 -30.44
CA LYS A 111 -20.73 13.69 -30.99
C LYS A 111 -20.27 15.01 -31.60
N THR A 112 -19.11 15.53 -31.18
CA THR A 112 -18.61 16.85 -31.65
C THR A 112 -17.59 16.68 -32.78
N PHE A 113 -17.25 15.46 -33.18
CA PHE A 113 -16.24 15.31 -34.25
C PHE A 113 -16.91 15.65 -35.57
N PRO A 114 -16.19 16.19 -36.57
CA PRO A 114 -16.81 16.51 -37.86
C PRO A 114 -17.44 15.25 -38.49
N LYS B 6 -7.48 2.33 3.42
CA LYS B 6 -8.10 1.37 2.45
C LYS B 6 -8.25 2.03 1.08
N LYS B 7 -8.00 1.25 0.02
CA LYS B 7 -8.05 1.69 -1.41
C LYS B 7 -9.45 2.16 -1.79
N PRO B 8 -9.62 2.95 -2.87
CA PRO B 8 -10.94 3.15 -3.47
C PRO B 8 -11.53 1.79 -3.85
N ARG B 9 -12.85 1.65 -3.73
CA ARG B 9 -13.53 0.34 -3.94
C ARG B 9 -13.05 -0.31 -5.26
N GLN B 10 -12.95 0.47 -6.33
CA GLN B 10 -12.65 -0.13 -7.67
C GLN B 10 -11.21 -0.65 -7.74
N LYS B 11 -10.32 -0.27 -6.82
CA LYS B 11 -8.94 -0.75 -6.83
C LYS B 11 -8.74 -1.89 -5.81
N ARG B 12 -9.78 -2.27 -5.07
CA ARG B 12 -9.55 -3.27 -4.01
C ARG B 12 -9.23 -4.64 -4.60
N THR B 13 -8.53 -5.46 -3.82
CA THR B 13 -8.21 -6.86 -4.22
C THR B 13 -8.71 -7.74 -3.09
N ALA B 14 -9.72 -8.55 -3.35
CA ALA B 14 -10.22 -9.51 -2.35
C ALA B 14 -9.21 -10.67 -2.23
N THR B 15 -8.97 -11.08 -1.00
CA THR B 15 -8.17 -12.26 -0.60
C THR B 15 -8.84 -12.94 0.60
N LYS B 16 -8.31 -14.05 1.10
CA LYS B 16 -8.89 -14.72 2.30
C LYS B 16 -8.90 -13.74 3.48
N ALA B 17 -7.86 -12.90 3.59
CA ALA B 17 -7.70 -11.92 4.71
C ALA B 17 -8.67 -10.75 4.55
N TYR B 18 -9.17 -10.49 3.34
CA TYR B 18 -10.06 -9.36 3.01
C TYR B 18 -10.99 -9.80 1.88
N ASN B 19 -12.09 -10.44 2.24
CA ASN B 19 -12.86 -11.28 1.29
C ASN B 19 -13.80 -10.43 0.45
N VAL B 20 -14.53 -11.08 -0.45
CA VAL B 20 -15.37 -10.36 -1.43
C VAL B 20 -16.44 -9.56 -0.69
N THR B 21 -17.02 -10.11 0.37
CA THR B 21 -18.06 -9.40 1.15
C THR B 21 -17.46 -8.17 1.81
N GLN B 22 -16.29 -8.31 2.44
CA GLN B 22 -15.60 -7.20 3.14
C GLN B 22 -15.26 -6.08 2.15
N ALA B 23 -14.75 -6.43 0.97
CA ALA B 23 -14.25 -5.46 -0.04
C ALA B 23 -15.41 -4.86 -0.85
N PHE B 24 -16.41 -5.67 -1.23
CA PHE B 24 -17.40 -5.31 -2.27
C PHE B 24 -18.83 -5.45 -1.81
N GLY B 25 -19.07 -5.84 -0.56
CA GLY B 25 -20.44 -5.96 -0.03
C GLY B 25 -21.05 -7.32 -0.33
N ARG B 26 -22.13 -7.63 0.38
CA ARG B 26 -22.89 -8.89 0.15
C ARG B 26 -23.34 -8.96 -1.32
N ARG B 27 -23.26 -10.14 -1.92
CA ARG B 27 -23.91 -10.40 -3.22
C ARG B 27 -25.43 -10.18 -3.10
N GLY B 28 -26.05 -9.69 -4.17
CA GLY B 28 -27.51 -9.57 -4.19
C GLY B 28 -28.04 -9.17 -5.55
N PRO B 29 -29.37 -8.94 -5.66
CA PRO B 29 -30.05 -8.75 -6.94
C PRO B 29 -30.16 -7.30 -7.44
N GLU B 30 -29.76 -6.33 -6.64
CA GLU B 30 -30.14 -4.92 -6.91
C GLU B 30 -29.14 -4.36 -7.92
N GLN B 31 -29.61 -3.38 -8.71
CA GLN B 31 -28.71 -2.60 -9.60
C GLN B 31 -27.60 -2.04 -8.70
N THR B 32 -26.36 -2.22 -9.15
CA THR B 32 -25.10 -1.72 -8.53
C THR B 32 -24.78 -2.52 -7.26
N GLN B 33 -25.45 -3.66 -7.02
CA GLN B 33 -25.00 -4.71 -6.08
C GLN B 33 -24.30 -5.81 -6.89
N GLY B 34 -23.17 -6.33 -6.45
CA GLY B 34 -22.48 -7.43 -7.15
C GLY B 34 -23.29 -8.71 -7.03
N ASN B 35 -23.27 -9.56 -8.07
CA ASN B 35 -24.07 -10.81 -8.08
C ASN B 35 -23.15 -12.02 -8.27
N PHE B 36 -21.84 -11.81 -8.31
CA PHE B 36 -20.90 -12.85 -8.79
C PHE B 36 -20.16 -13.44 -7.61
N GLY B 37 -20.24 -14.77 -7.52
CA GLY B 37 -19.40 -15.55 -6.60
C GLY B 37 -20.21 -16.56 -5.83
N ASP B 38 -19.72 -17.80 -5.82
CA ASP B 38 -20.24 -18.83 -4.89
C ASP B 38 -19.55 -18.64 -3.55
N GLN B 39 -19.85 -19.50 -2.60
CA GLN B 39 -19.35 -19.30 -1.22
C GLN B 39 -17.83 -19.38 -1.18
N GLU B 40 -17.24 -20.26 -1.98
CA GLU B 40 -15.78 -20.47 -1.98
C GLU B 40 -15.08 -19.22 -2.53
N LEU B 41 -15.58 -18.68 -3.65
CA LEU B 41 -14.96 -17.46 -4.25
C LEU B 41 -15.16 -16.29 -3.28
N ILE B 42 -16.36 -16.13 -2.74
CA ILE B 42 -16.64 -15.01 -1.79
C ILE B 42 -15.60 -15.06 -0.66
N ARG B 43 -15.32 -16.24 -0.13
CA ARG B 43 -14.43 -16.40 1.06
C ARG B 43 -12.96 -16.14 0.69
N GLN B 44 -12.55 -16.48 -0.54
CA GLN B 44 -11.12 -16.55 -0.92
C GLN B 44 -10.68 -15.42 -1.86
N GLY B 45 -11.63 -14.79 -2.57
CA GLY B 45 -11.28 -13.74 -3.54
C GLY B 45 -10.21 -14.21 -4.51
N THR B 46 -9.13 -13.47 -4.67
CA THR B 46 -8.05 -13.81 -5.65
C THR B 46 -7.19 -14.99 -5.15
N ASP B 47 -7.38 -15.44 -3.90
CA ASP B 47 -6.74 -16.69 -3.42
C ASP B 47 -7.48 -17.91 -3.96
N TYR B 48 -8.64 -17.70 -4.62
CA TYR B 48 -9.49 -18.79 -5.16
C TYR B 48 -8.65 -19.57 -6.15
N LYS B 49 -8.65 -20.90 -6.03
CA LYS B 49 -7.74 -21.75 -6.85
C LYS B 49 -7.98 -21.59 -8.35
N HIS B 50 -9.19 -21.22 -8.81
CA HIS B 50 -9.44 -21.04 -10.28
C HIS B 50 -9.55 -19.56 -10.63
N TRP B 51 -9.04 -18.69 -9.78
CA TRP B 51 -9.10 -17.23 -10.05
C TRP B 51 -8.51 -16.90 -11.44
N PRO B 52 -7.34 -17.43 -11.87
CA PRO B 52 -6.81 -17.08 -13.20
C PRO B 52 -7.79 -17.29 -14.35
N GLN B 53 -8.64 -18.33 -14.26
CA GLN B 53 -9.60 -18.69 -15.33
C GLN B 53 -10.80 -17.75 -15.31
N ILE B 54 -11.01 -17.03 -14.21
CA ILE B 54 -12.04 -15.95 -14.11
C ILE B 54 -11.41 -14.64 -14.60
N ALA B 55 -10.23 -14.33 -14.09
CA ALA B 55 -9.52 -13.05 -14.32
C ALA B 55 -9.19 -12.88 -15.82
N GLN B 56 -9.12 -13.95 -16.60
CA GLN B 56 -8.80 -13.87 -18.06
C GLN B 56 -9.88 -13.04 -18.76
N PHE B 57 -11.04 -12.87 -18.13
CA PHE B 57 -12.19 -12.14 -18.74
C PHE B 57 -12.25 -10.72 -18.21
N ALA B 58 -11.50 -10.37 -17.17
CA ALA B 58 -11.46 -8.98 -16.66
C ALA B 58 -10.71 -8.04 -17.62
N PRO B 59 -11.26 -6.83 -17.88
CA PRO B 59 -10.64 -5.90 -18.81
C PRO B 59 -9.46 -5.13 -18.21
N SER B 60 -8.47 -4.86 -19.05
CA SER B 60 -7.41 -3.86 -18.78
C SER B 60 -8.12 -2.53 -18.57
N ALA B 61 -7.45 -1.57 -17.98
CA ALA B 61 -8.04 -0.22 -17.80
C ALA B 61 -8.35 0.36 -19.19
N SER B 62 -7.45 0.14 -20.15
CA SER B 62 -7.63 0.67 -21.53
C SER B 62 -8.89 0.07 -22.13
N ALA B 63 -9.10 -1.24 -21.97
CA ALA B 63 -10.26 -1.93 -22.57
C ALA B 63 -11.53 -1.51 -21.81
N PHE B 64 -11.45 -1.31 -20.50
CA PHE B 64 -12.65 -0.88 -19.71
C PHE B 64 -13.16 0.42 -20.27
N PHE B 65 -12.25 1.38 -20.53
CA PHE B 65 -12.65 2.69 -21.08
C PHE B 65 -12.82 2.67 -22.59
N GLY B 66 -12.26 1.69 -23.29
CA GLY B 66 -12.45 1.57 -24.75
C GLY B 66 -13.72 0.83 -25.15
N MET B 67 -14.15 -0.19 -24.39
CA MET B 67 -15.27 -1.07 -24.81
C MET B 67 -16.60 -0.59 -24.25
N SER B 68 -16.56 0.01 -23.06
CA SER B 68 -17.76 0.20 -22.21
C SER B 68 -18.58 1.41 -22.67
N ARG B 69 -19.85 1.38 -22.34
CA ARG B 69 -20.70 2.59 -22.33
C ARG B 69 -20.50 3.25 -20.97
N ILE B 70 -19.95 4.45 -20.98
CA ILE B 70 -19.58 5.19 -19.75
C ILE B 70 -20.57 6.34 -19.61
N GLY B 71 -21.10 6.50 -18.40
CA GLY B 71 -21.96 7.65 -18.08
C GLY B 71 -21.56 8.29 -16.78
N MET B 72 -22.15 9.44 -16.51
N MET B 72 -22.16 9.43 -16.49
CA MET B 72 -21.99 10.11 -15.20
CA MET B 72 -21.98 10.15 -15.22
C MET B 72 -23.37 10.52 -14.70
C MET B 72 -23.37 10.53 -14.70
N GLU B 73 -23.66 10.20 -13.45
CA GLU B 73 -24.95 10.50 -12.79
C GLU B 73 -24.65 11.30 -11.51
N VAL B 74 -25.38 12.38 -11.29
CA VAL B 74 -25.24 13.16 -10.05
C VAL B 74 -26.54 12.97 -9.29
N THR B 75 -26.48 12.35 -8.11
CA THR B 75 -27.69 11.97 -7.36
C THR B 75 -27.53 12.45 -5.94
N PRO B 76 -28.56 12.25 -5.07
CA PRO B 76 -28.39 12.58 -3.66
C PRO B 76 -27.27 11.80 -2.97
N SER B 77 -26.79 10.66 -3.50
CA SER B 77 -25.72 9.90 -2.81
C SER B 77 -24.34 10.37 -3.27
N GLY B 78 -24.27 11.11 -4.37
CA GLY B 78 -22.97 11.59 -4.89
C GLY B 78 -22.91 11.56 -6.40
N THR B 79 -21.68 11.58 -6.89
CA THR B 79 -21.38 11.57 -8.34
C THR B 79 -20.85 10.19 -8.69
N TRP B 80 -21.49 9.55 -9.66
CA TRP B 80 -21.25 8.14 -10.06
C TRP B 80 -20.82 8.04 -11.52
N LEU B 81 -19.78 7.26 -11.78
CA LEU B 81 -19.37 6.84 -13.14
C LEU B 81 -20.05 5.50 -13.41
N THR B 82 -20.97 5.46 -14.35
CA THR B 82 -21.70 4.24 -14.70
C THR B 82 -20.97 3.54 -15.84
N TYR B 83 -21.10 2.23 -15.90
CA TYR B 83 -20.49 1.45 -17.00
C TYR B 83 -21.38 0.26 -17.33
N THR B 84 -21.53 -0.02 -18.63
N THR B 84 -21.48 -0.04 -18.62
CA THR B 84 -22.10 -1.27 -19.17
CA THR B 84 -22.10 -1.27 -19.17
C THR B 84 -21.21 -1.77 -20.31
C THR B 84 -21.21 -1.77 -20.31
N GLY B 85 -21.17 -3.09 -20.53
CA GLY B 85 -20.57 -3.62 -21.76
C GLY B 85 -20.73 -5.10 -21.85
N ALA B 86 -20.06 -5.68 -22.83
CA ALA B 86 -20.10 -7.16 -22.98
C ALA B 86 -18.76 -7.62 -23.51
N ILE B 87 -18.28 -8.74 -23.00
CA ILE B 87 -17.00 -9.36 -23.44
C ILE B 87 -17.32 -10.69 -24.11
N LYS B 88 -16.90 -10.84 -25.37
CA LYS B 88 -17.26 -12.04 -26.17
C LYS B 88 -16.34 -13.19 -25.75
N LEU B 89 -16.93 -14.34 -25.44
CA LEU B 89 -16.15 -15.57 -25.19
C LEU B 89 -15.73 -16.13 -26.55
N ASP B 90 -14.59 -16.80 -26.59
CA ASP B 90 -14.13 -17.48 -27.82
C ASP B 90 -14.73 -18.91 -27.88
N ASP B 91 -15.81 -19.09 -28.61
CA ASP B 91 -16.49 -20.42 -28.65
C ASP B 91 -15.66 -21.42 -29.49
N LYS B 92 -14.56 -21.02 -30.11
CA LYS B 92 -13.60 -21.95 -30.78
C LYS B 92 -12.49 -22.40 -29.83
N ASP B 93 -12.39 -21.82 -28.62
CA ASP B 93 -11.34 -22.17 -27.63
C ASP B 93 -11.75 -23.56 -27.12
N PRO B 94 -10.84 -24.57 -27.12
CA PRO B 94 -11.18 -25.89 -26.59
C PRO B 94 -11.64 -25.81 -25.13
N ASN B 95 -11.26 -24.77 -24.39
CA ASN B 95 -11.63 -24.59 -22.96
C ASN B 95 -12.97 -23.88 -22.80
N PHE B 96 -13.62 -23.51 -23.89
CA PHE B 96 -14.89 -22.71 -23.88
C PHE B 96 -15.96 -23.34 -22.96
N LYS B 97 -16.29 -24.62 -23.12
CA LYS B 97 -17.35 -25.27 -22.29
C LYS B 97 -16.99 -25.13 -20.81
N ASP B 98 -15.71 -25.30 -20.43
CA ASP B 98 -15.30 -25.25 -19.00
C ASP B 98 -15.40 -23.80 -18.52
N GLN B 99 -15.07 -22.85 -19.40
CA GLN B 99 -15.15 -21.41 -19.07
C GLN B 99 -16.61 -21.03 -18.77
N VAL B 100 -17.54 -21.51 -19.61
CA VAL B 100 -18.99 -21.24 -19.45
C VAL B 100 -19.46 -21.86 -18.13
N ILE B 101 -19.05 -23.10 -17.84
CA ILE B 101 -19.44 -23.79 -16.59
C ILE B 101 -18.92 -22.99 -15.40
N LEU B 102 -17.65 -22.57 -15.42
CA LEU B 102 -17.02 -21.82 -14.31
C LEU B 102 -17.75 -20.49 -14.07
N LEU B 103 -18.01 -19.76 -15.13
CA LEU B 103 -18.69 -18.44 -14.97
C LEU B 103 -20.11 -18.66 -14.44
N ASN B 104 -20.86 -19.62 -14.99
CA ASN B 104 -22.26 -19.93 -14.57
C ASN B 104 -22.31 -20.39 -13.11
N LYS B 105 -21.29 -21.09 -12.64
CA LYS B 105 -21.19 -21.51 -11.23
C LYS B 105 -21.25 -20.29 -10.30
N HIS B 106 -20.65 -19.15 -10.68
CA HIS B 106 -20.54 -17.97 -9.79
C HIS B 106 -21.67 -16.96 -10.05
N ILE B 107 -22.21 -16.88 -11.27
CA ILE B 107 -23.28 -15.89 -11.58
C ILE B 107 -24.53 -16.22 -10.73
N ASP B 108 -24.94 -15.31 -9.85
CA ASP B 108 -26.18 -15.45 -9.02
C ASP B 108 -26.12 -16.68 -8.12
N ALA B 109 -24.94 -17.16 -7.76
CA ALA B 109 -24.81 -18.32 -6.86
C ALA B 109 -25.42 -17.97 -5.49
N TYR B 110 -25.33 -16.69 -5.09
CA TYR B 110 -25.84 -16.21 -3.77
C TYR B 110 -27.32 -16.59 -3.59
N LYS B 111 -28.10 -16.79 -4.67
CA LYS B 111 -29.55 -17.09 -4.52
C LYS B 111 -29.77 -18.42 -3.77
N THR B 112 -28.78 -19.30 -3.73
CA THR B 112 -28.91 -20.68 -3.16
C THR B 112 -28.40 -20.76 -1.72
N PHE B 113 -27.95 -19.66 -1.11
CA PHE B 113 -27.49 -19.73 0.29
C PHE B 113 -27.88 -18.46 1.02
N PRO B 114 -27.98 -18.47 2.37
CA PRO B 114 -28.20 -17.24 3.12
C PRO B 114 -27.10 -16.19 2.85
N LYS C 6 6.96 8.58 10.90
N LYS C 6 6.55 8.81 10.75
CA LYS C 6 6.69 7.16 11.30
CA LYS C 6 6.55 7.40 11.24
C LYS C 6 5.50 7.15 12.26
C LYS C 6 5.40 7.23 12.24
N LYS C 7 4.65 6.13 12.14
CA LYS C 7 3.41 5.94 12.92
C LYS C 7 3.75 5.71 14.39
N PRO C 8 2.78 5.96 15.29
CA PRO C 8 2.86 5.47 16.67
C PRO C 8 3.09 3.96 16.61
N ARG C 9 3.89 3.43 17.53
CA ARG C 9 4.37 2.04 17.49
C ARG C 9 3.17 1.08 17.29
N GLN C 10 2.07 1.29 18.04
CA GLN C 10 0.87 0.38 18.01
C GLN C 10 0.19 0.36 16.64
N LYS C 11 0.39 1.39 15.79
CA LYS C 11 -0.24 1.46 14.44
C LYS C 11 0.73 0.98 13.35
N ARG C 12 1.96 0.59 13.69
CA ARG C 12 2.93 0.16 12.66
C ARG C 12 2.53 -1.19 12.06
N THR C 13 2.93 -1.41 10.81
CA THR C 13 2.78 -2.69 10.09
C THR C 13 4.16 -3.16 9.69
N ALA C 14 4.60 -4.28 10.26
CA ALA C 14 5.88 -4.92 9.85
C ALA C 14 5.68 -5.60 8.50
N THR C 15 6.74 -5.52 7.68
CA THR C 15 6.85 -6.10 6.34
C THR C 15 8.33 -6.44 6.06
N LYS C 16 8.59 -7.03 4.90
CA LYS C 16 9.99 -7.25 4.45
C LYS C 16 10.78 -5.95 4.36
N ALA C 17 10.11 -4.80 4.16
CA ALA C 17 10.77 -3.49 4.04
C ALA C 17 10.88 -2.77 5.39
N TYR C 18 10.31 -3.32 6.45
CA TYR C 18 10.28 -2.69 7.80
C TYR C 18 9.96 -3.79 8.82
N ASN C 19 10.98 -4.52 9.26
CA ASN C 19 10.76 -5.89 9.80
C ASN C 19 10.32 -5.76 11.25
N VAL C 20 9.99 -6.90 11.84
CA VAL C 20 9.38 -6.91 13.20
C VAL C 20 10.39 -6.33 14.18
N THR C 21 11.67 -6.61 14.03
CA THR C 21 12.71 -6.08 14.95
C THR C 21 12.73 -4.55 14.86
N GLN C 22 12.76 -4.03 13.64
CA GLN C 22 12.83 -2.55 13.41
C GLN C 22 11.55 -1.90 13.96
N ALA C 23 10.38 -2.50 13.70
CA ALA C 23 9.08 -1.91 14.12
C ALA C 23 8.82 -2.06 15.63
N PHE C 24 9.16 -3.22 16.21
CA PHE C 24 8.64 -3.66 17.54
C PHE C 24 9.74 -4.09 18.49
N GLY C 25 10.99 -4.02 18.08
CA GLY C 25 12.16 -4.34 18.93
C GLY C 25 12.49 -5.83 18.89
N ARG C 26 13.69 -6.18 19.33
CA ARG C 26 14.14 -7.59 19.42
C ARG C 26 13.16 -8.40 20.31
N ARG C 27 12.90 -9.63 19.90
CA ARG C 27 12.16 -10.60 20.73
C ARG C 27 12.98 -10.86 21.99
N GLY C 28 12.33 -11.01 23.14
CA GLY C 28 13.07 -11.49 24.32
C GLY C 28 12.14 -11.80 25.49
N PRO C 29 12.72 -12.18 26.66
CA PRO C 29 11.94 -12.67 27.79
C PRO C 29 11.41 -11.61 28.76
N GLU C 30 11.82 -10.35 28.58
CA GLU C 30 11.43 -9.24 29.50
C GLU C 30 10.00 -8.79 29.19
N GLN C 31 9.35 -8.18 30.19
CA GLN C 31 7.89 -7.88 30.21
C GLN C 31 7.50 -6.87 29.12
N THR C 32 8.39 -5.97 28.73
CA THR C 32 8.07 -4.93 27.70
C THR C 32 8.57 -5.40 26.32
N GLN C 33 9.16 -6.59 26.22
CA GLN C 33 9.61 -7.18 24.93
C GLN C 33 8.50 -8.11 24.40
N GLY C 34 8.28 -8.12 23.08
CA GLY C 34 7.47 -9.16 22.44
C GLY C 34 8.23 -10.47 22.44
N ASN C 35 7.53 -11.61 22.47
CA ASN C 35 8.16 -12.95 22.46
C ASN C 35 7.74 -13.74 21.23
N PHE C 36 6.97 -13.14 20.31
CA PHE C 36 6.29 -13.91 19.24
C PHE C 36 7.04 -13.75 17.92
N GLY C 37 7.37 -14.88 17.30
CA GLY C 37 7.86 -14.92 15.93
C GLY C 37 9.16 -15.69 15.78
N ASP C 38 9.19 -16.58 14.81
CA ASP C 38 10.41 -17.28 14.37
C ASP C 38 11.17 -16.32 13.42
N GLN C 39 12.31 -16.77 12.91
CA GLN C 39 13.20 -15.89 12.12
C GLN C 39 12.46 -15.46 10.84
N GLU C 40 11.68 -16.35 10.27
CA GLU C 40 10.95 -16.08 9.01
C GLU C 40 9.88 -14.99 9.26
N LEU C 41 9.08 -15.09 10.31
CA LEU C 41 8.04 -14.06 10.59
C LEU C 41 8.73 -12.75 10.99
N ILE C 42 9.79 -12.81 11.78
CA ILE C 42 10.48 -11.57 12.21
C ILE C 42 10.90 -10.79 10.94
N ARG C 43 11.53 -11.46 9.97
CA ARG C 43 12.09 -10.70 8.82
C ARG C 43 10.97 -10.37 7.81
N GLN C 44 9.83 -11.04 7.80
CA GLN C 44 8.82 -10.83 6.73
C GLN C 44 7.60 -10.08 7.22
N GLY C 45 7.34 -10.06 8.53
CA GLY C 45 6.10 -9.47 9.06
C GLY C 45 4.89 -9.90 8.26
N THR C 46 4.11 -8.93 7.79
CA THR C 46 2.81 -9.21 7.12
C THR C 46 3.02 -9.82 5.73
N ASP C 47 4.26 -9.87 5.20
CA ASP C 47 4.58 -10.61 3.95
C ASP C 47 4.81 -12.10 4.24
N TYR C 48 4.91 -12.51 5.51
CA TYR C 48 4.99 -13.94 5.89
C TYR C 48 3.86 -14.75 5.22
N LYS C 49 4.19 -15.90 4.64
CA LYS C 49 3.24 -16.75 3.85
C LYS C 49 2.01 -17.11 4.70
N HIS C 50 2.15 -17.32 6.02
CA HIS C 50 1.00 -17.70 6.88
C HIS C 50 0.54 -16.53 7.74
N TRP C 51 0.82 -15.29 7.34
CA TRP C 51 0.42 -14.13 8.15
C TRP C 51 -1.10 -14.12 8.34
N PRO C 52 -1.97 -14.32 7.32
CA PRO C 52 -3.42 -14.25 7.57
C PRO C 52 -3.90 -15.22 8.67
N GLN C 53 -3.26 -16.39 8.76
CA GLN C 53 -3.66 -17.45 9.71
C GLN C 53 -3.28 -17.05 11.14
N ILE C 54 -2.31 -16.15 11.29
CA ILE C 54 -1.93 -15.54 12.60
C ILE C 54 -2.88 -14.36 12.87
N ALA C 55 -3.05 -13.49 11.87
CA ALA C 55 -3.84 -12.25 12.01
C ALA C 55 -5.30 -12.56 12.39
N GLN C 56 -5.85 -13.73 12.02
CA GLN C 56 -7.24 -14.11 12.41
C GLN C 56 -7.41 -14.06 13.95
N PHE C 57 -6.33 -14.15 14.74
CA PHE C 57 -6.40 -14.11 16.22
C PHE C 57 -6.21 -12.68 16.77
N ALA C 58 -5.78 -11.71 15.97
CA ALA C 58 -5.53 -10.34 16.47
C ALA C 58 -6.88 -9.66 16.65
N PRO C 59 -7.08 -8.90 17.74
CA PRO C 59 -8.36 -8.23 17.93
C PRO C 59 -8.59 -6.97 17.11
N SER C 60 -9.83 -6.77 16.66
CA SER C 60 -10.35 -5.45 16.21
C SER C 60 -10.11 -4.41 17.29
N ALA C 61 -10.14 -3.12 16.96
CA ALA C 61 -9.97 -2.05 17.97
C ALA C 61 -11.10 -2.21 19.02
N SER C 62 -12.33 -2.50 18.59
CA SER C 62 -13.50 -2.70 19.48
C SER C 62 -13.26 -3.90 20.40
N ALA C 63 -12.79 -5.03 19.87
CA ALA C 63 -12.51 -6.23 20.68
C ALA C 63 -11.30 -5.96 21.59
N PHE C 64 -10.30 -5.21 21.15
CA PHE C 64 -9.12 -4.94 22.02
C PHE C 64 -9.63 -4.29 23.32
N PHE C 65 -10.45 -3.26 23.17
CA PHE C 65 -11.00 -2.54 24.33
C PHE C 65 -12.20 -3.28 24.96
N GLY C 66 -12.88 -4.18 24.25
CA GLY C 66 -14.05 -4.87 24.84
C GLY C 66 -13.67 -6.13 25.59
N MET C 67 -12.67 -6.89 25.11
CA MET C 67 -12.29 -8.20 25.71
C MET C 67 -11.25 -8.05 26.83
N SER C 68 -10.36 -7.06 26.70
CA SER C 68 -9.10 -6.99 27.46
C SER C 68 -9.33 -6.43 28.88
N ARG C 69 -8.41 -6.79 29.78
CA ARG C 69 -8.17 -6.05 31.05
C ARG C 69 -7.27 -4.87 30.72
N ILE C 70 -7.82 -3.67 30.82
CA ILE C 70 -7.13 -2.41 30.48
C ILE C 70 -6.71 -1.74 31.78
N GLY C 71 -5.49 -1.24 31.81
CA GLY C 71 -4.96 -0.52 32.98
C GLY C 71 -4.03 0.56 32.54
N MET C 72 -3.37 1.15 33.51
N MET C 72 -3.45 1.30 33.47
CA MET C 72 -2.36 2.19 33.30
CA MET C 72 -2.36 2.26 33.15
C MET C 72 -1.16 1.86 34.17
C MET C 72 -1.22 2.02 34.15
N GLU C 73 0.02 2.20 33.68
CA GLU C 73 1.25 2.12 34.48
C GLU C 73 2.00 3.43 34.28
N VAL C 74 2.48 4.02 35.37
CA VAL C 74 3.45 5.15 35.33
C VAL C 74 4.80 4.62 35.82
N THR C 75 5.81 4.78 34.97
CA THR C 75 7.22 4.46 35.24
C THR C 75 8.04 5.68 34.85
N PRO C 76 9.38 5.67 35.09
CA PRO C 76 10.27 6.75 34.65
C PRO C 76 10.26 6.97 33.13
N SER C 77 9.90 5.93 32.38
CA SER C 77 9.78 5.94 30.90
C SER C 77 8.48 6.63 30.45
N GLY C 78 7.52 6.89 31.36
CA GLY C 78 6.29 7.63 31.01
C GLY C 78 5.04 6.90 31.43
N THR C 79 3.95 7.12 30.68
CA THR C 79 2.63 6.53 30.97
C THR C 79 2.32 5.47 29.90
N TRP C 80 1.90 4.29 30.36
CA TRP C 80 1.63 3.13 29.51
C TRP C 80 0.17 2.70 29.71
N LEU C 81 -0.50 2.35 28.62
CA LEU C 81 -1.82 1.65 28.68
C LEU C 81 -1.53 0.15 28.72
N THR C 82 -1.89 -0.54 29.80
CA THR C 82 -1.61 -1.99 29.91
C THR C 82 -2.80 -2.75 29.35
N TYR C 83 -2.57 -3.95 28.83
CA TYR C 83 -3.65 -4.84 28.38
C TYR C 83 -3.28 -6.29 28.64
N THR C 84 -4.26 -7.09 29.09
CA THR C 84 -4.15 -8.56 29.20
C THR C 84 -5.45 -9.20 28.76
N GLY C 85 -5.39 -10.45 28.35
CA GLY C 85 -6.59 -11.12 27.87
C GLY C 85 -6.30 -12.52 27.39
N ALA C 86 -7.35 -13.18 26.94
CA ALA C 86 -7.20 -14.56 26.42
C ALA C 86 -8.28 -14.80 25.37
N ILE C 87 -7.87 -15.40 24.27
CA ILE C 87 -8.73 -15.67 23.08
C ILE C 87 -8.85 -17.19 22.96
N LYS C 88 -10.10 -17.67 22.98
CA LYS C 88 -10.38 -19.10 22.91
C LYS C 88 -10.28 -19.53 21.44
N LEU C 89 -9.50 -20.55 21.19
CA LEU C 89 -9.48 -21.20 19.85
C LEU C 89 -10.74 -22.04 19.72
N ASP C 90 -11.18 -22.24 18.49
CA ASP C 90 -12.37 -23.05 18.21
C ASP C 90 -11.91 -24.46 17.82
N ASP C 91 -11.96 -25.43 18.74
CA ASP C 91 -11.48 -26.81 18.48
C ASP C 91 -12.42 -27.57 17.52
N LYS C 92 -13.55 -26.98 17.12
CA LYS C 92 -14.40 -27.50 16.02
C LYS C 92 -14.02 -26.89 14.65
N ASP C 93 -13.18 -25.87 14.59
CA ASP C 93 -12.63 -25.38 13.30
C ASP C 93 -11.82 -26.54 12.71
N PRO C 94 -12.09 -27.00 11.46
CA PRO C 94 -11.26 -28.03 10.84
C PRO C 94 -9.79 -27.61 10.73
N ASN C 95 -9.50 -26.31 10.80
CA ASN C 95 -8.12 -25.78 10.75
C ASN C 95 -7.45 -25.71 12.16
N PHE C 96 -8.16 -26.12 13.22
CA PHE C 96 -7.66 -26.03 14.61
C PHE C 96 -6.24 -26.61 14.74
N LYS C 97 -6.01 -27.85 14.30
CA LYS C 97 -4.70 -28.51 14.48
C LYS C 97 -3.60 -27.73 13.72
N ASP C 98 -3.90 -27.22 12.55
CA ASP C 98 -2.92 -26.39 11.79
C ASP C 98 -2.64 -25.07 12.55
N GLN C 99 -3.67 -24.50 13.18
CA GLN C 99 -3.51 -23.24 13.96
C GLN C 99 -2.56 -23.51 15.12
N VAL C 100 -2.76 -24.60 15.85
CA VAL C 100 -1.91 -24.93 17.01
C VAL C 100 -0.46 -25.07 16.56
N ILE C 101 -0.21 -25.81 15.49
CA ILE C 101 1.16 -26.05 14.96
C ILE C 101 1.80 -24.70 14.62
N LEU C 102 1.02 -23.82 13.99
CA LEU C 102 1.54 -22.51 13.51
C LEU C 102 1.88 -21.65 14.73
N LEU C 103 0.99 -21.56 15.73
CA LEU C 103 1.29 -20.72 16.92
C LEU C 103 2.49 -21.30 17.65
N ASN C 104 2.59 -22.63 17.76
CA ASN C 104 3.73 -23.29 18.47
C ASN C 104 5.05 -22.96 17.77
N LYS C 105 5.03 -22.72 16.47
CA LYS C 105 6.27 -22.38 15.71
C LYS C 105 6.80 -21.00 16.13
N HIS C 106 5.94 -20.11 16.63
CA HIS C 106 6.30 -18.68 16.82
C HIS C 106 6.43 -18.29 18.29
N ILE C 107 5.69 -18.92 19.19
CA ILE C 107 5.69 -18.49 20.62
C ILE C 107 7.07 -18.84 21.19
N ASP C 108 7.81 -17.83 21.65
CA ASP C 108 9.14 -18.00 22.27
C ASP C 108 10.13 -18.64 21.28
N ALA C 109 9.92 -18.54 19.98
CA ALA C 109 10.86 -19.13 18.97
C ALA C 109 12.27 -18.55 19.19
N TYR C 110 12.39 -17.27 19.56
CA TYR C 110 13.70 -16.55 19.68
C TYR C 110 14.66 -17.30 20.60
N LYS C 111 14.14 -18.15 21.50
CA LYS C 111 14.97 -18.93 22.45
C LYS C 111 15.93 -19.87 21.70
N THR C 112 15.61 -20.25 20.47
CA THR C 112 16.40 -21.24 19.69
C THR C 112 17.28 -20.58 18.64
N PHE C 113 17.21 -19.27 18.48
CA PHE C 113 17.92 -18.62 17.35
C PHE C 113 19.42 -18.85 17.50
N PRO C 114 20.11 -19.19 16.40
CA PRO C 114 21.58 -19.24 16.38
C PRO C 114 22.16 -17.86 16.77
N LYS D 6 -22.11 -15.04 13.02
CA LYS D 6 -21.41 -14.10 13.95
C LYS D 6 -19.90 -14.39 13.91
N LYS D 7 -19.11 -13.31 13.92
CA LYS D 7 -17.63 -13.37 13.89
C LYS D 7 -17.10 -14.05 15.14
N PRO D 8 -15.88 -14.63 15.06
CA PRO D 8 -15.10 -14.94 16.27
C PRO D 8 -15.03 -13.68 17.14
N ARG D 9 -15.04 -13.88 18.44
CA ARG D 9 -15.18 -12.79 19.44
C ARG D 9 -14.14 -11.70 19.14
N GLN D 10 -12.90 -12.08 18.85
CA GLN D 10 -11.81 -11.09 18.68
C GLN D 10 -11.99 -10.22 17.43
N LYS D 11 -12.82 -10.61 16.45
CA LYS D 11 -13.04 -9.80 15.25
C LYS D 11 -14.35 -9.02 15.36
N ARG D 12 -15.10 -9.11 16.46
CA ARG D 12 -16.40 -8.41 16.51
C ARG D 12 -16.18 -6.92 16.63
N THR D 13 -17.11 -6.13 16.05
CA THR D 13 -17.16 -4.66 16.19
C THR D 13 -18.45 -4.32 16.94
N ALA D 14 -18.33 -3.73 18.11
CA ALA D 14 -19.52 -3.29 18.88
C ALA D 14 -20.04 -1.98 18.26
N THR D 15 -21.36 -1.86 18.19
CA THR D 15 -22.11 -0.69 17.69
C THR D 15 -23.31 -0.49 18.62
N LYS D 16 -24.07 0.57 18.41
CA LYS D 16 -25.29 0.75 19.23
C LYS D 16 -26.32 -0.36 18.92
N ALA D 17 -26.24 -1.04 17.77
CA ALA D 17 -27.14 -2.18 17.43
C ALA D 17 -26.67 -3.52 18.01
N TYR D 18 -25.37 -3.64 18.28
CA TYR D 18 -24.69 -4.86 18.75
C TYR D 18 -23.61 -4.40 19.74
N ASN D 19 -23.99 -4.24 20.99
CA ASN D 19 -23.23 -3.36 21.93
C ASN D 19 -22.13 -4.12 22.66
N VAL D 20 -21.39 -3.42 23.50
CA VAL D 20 -20.18 -4.03 24.13
C VAL D 20 -20.60 -5.26 24.94
N THR D 21 -21.73 -5.18 25.67
CA THR D 21 -22.21 -6.36 26.44
C THR D 21 -22.56 -7.52 25.50
N GLN D 22 -23.27 -7.26 24.41
CA GLN D 22 -23.73 -8.30 23.46
C GLN D 22 -22.50 -8.94 22.81
N ALA D 23 -21.50 -8.16 22.40
CA ALA D 23 -20.34 -8.68 21.65
C ALA D 23 -19.35 -9.35 22.60
N PHE D 24 -19.09 -8.73 23.76
CA PHE D 24 -17.92 -9.06 24.60
C PHE D 24 -18.29 -9.41 26.04
N GLY D 25 -19.57 -9.43 26.38
CA GLY D 25 -20.03 -9.81 27.73
C GLY D 25 -20.03 -8.64 28.71
N ARG D 26 -20.74 -8.79 29.83
N ARG D 26 -20.74 -8.80 29.83
CA ARG D 26 -20.77 -7.76 30.90
CA ARG D 26 -20.75 -7.80 30.93
C ARG D 26 -19.34 -7.52 31.41
C ARG D 26 -19.32 -7.53 31.40
N ARG D 27 -19.01 -6.25 31.64
CA ARG D 27 -17.76 -5.82 32.30
C ARG D 27 -17.70 -6.48 33.68
N GLY D 28 -16.51 -6.81 34.14
CA GLY D 28 -16.32 -7.33 35.50
C GLY D 28 -14.85 -7.39 35.88
N PRO D 29 -14.54 -7.98 37.05
CA PRO D 29 -13.20 -7.99 37.61
C PRO D 29 -12.34 -9.21 37.27
N GLU D 30 -12.88 -10.24 36.61
CA GLU D 30 -12.14 -11.51 36.42
C GLU D 30 -11.17 -11.37 35.24
N GLN D 31 -10.18 -12.27 35.17
CA GLN D 31 -9.06 -12.18 34.18
C GLN D 31 -9.58 -12.22 32.72
N THR D 32 -10.65 -12.93 32.43
CA THR D 32 -11.10 -13.12 31.02
C THR D 32 -12.31 -12.24 30.77
N GLN D 33 -12.65 -11.36 31.73
CA GLN D 33 -13.72 -10.36 31.56
C GLN D 33 -13.06 -9.02 31.17
N GLY D 34 -13.67 -8.32 30.24
CA GLY D 34 -13.28 -6.92 29.98
C GLY D 34 -13.65 -6.06 31.16
N ASN D 35 -12.86 -5.04 31.47
CA ASN D 35 -13.15 -4.07 32.55
C ASN D 35 -13.39 -2.67 31.98
N PHE D 36 -13.33 -2.50 30.66
CA PHE D 36 -13.28 -1.15 30.05
C PHE D 36 -14.66 -0.74 29.53
N GLY D 37 -15.12 0.42 29.98
CA GLY D 37 -16.29 1.10 29.40
C GLY D 37 -17.23 1.56 30.47
N ASP D 38 -17.61 2.83 30.42
CA ASP D 38 -18.76 3.37 31.16
C ASP D 38 -20.05 3.00 30.41
N GLN D 39 -21.20 3.36 30.98
CA GLN D 39 -22.50 2.89 30.44
C GLN D 39 -22.66 3.40 29.02
N GLU D 40 -22.19 4.62 28.75
CA GLU D 40 -22.37 5.25 27.41
C GLU D 40 -21.53 4.48 26.37
N LEU D 41 -20.28 4.16 26.65
CA LEU D 41 -19.45 3.36 25.69
C LEU D 41 -20.02 1.94 25.58
N ILE D 42 -20.49 1.35 26.68
CA ILE D 42 -21.06 -0.01 26.61
C ILE D 42 -22.23 -0.01 25.62
N ARG D 43 -23.11 1.00 25.67
CA ARG D 43 -24.33 0.99 24.82
C ARG D 43 -23.99 1.43 23.39
N GLN D 44 -22.93 2.20 23.16
CA GLN D 44 -22.63 2.77 21.83
C GLN D 44 -21.59 1.94 21.05
N GLY D 45 -20.66 1.31 21.71
CA GLY D 45 -19.50 0.67 21.05
C GLY D 45 -18.80 1.68 20.17
N THR D 46 -18.51 1.28 18.94
CA THR D 46 -17.75 2.16 18.03
C THR D 46 -18.58 3.37 17.59
N ASP D 47 -19.86 3.45 17.94
CA ASP D 47 -20.66 4.68 17.69
C ASP D 47 -20.41 5.72 18.78
N TYR D 48 -19.66 5.37 19.81
CA TYR D 48 -19.40 6.28 20.96
C TYR D 48 -18.76 7.57 20.44
N LYS D 49 -19.25 8.71 20.96
CA LYS D 49 -18.89 10.02 20.39
C LYS D 49 -17.36 10.27 20.48
N HIS D 50 -16.65 9.69 21.46
CA HIS D 50 -15.19 9.83 21.63
C HIS D 50 -14.44 8.52 21.27
N TRP D 51 -15.05 7.67 20.47
CA TRP D 51 -14.40 6.39 20.06
C TRP D 51 -13.05 6.66 19.39
N PRO D 52 -12.88 7.64 18.49
CA PRO D 52 -11.58 7.83 17.84
C PRO D 52 -10.44 8.07 18.84
N GLN D 53 -10.72 8.77 19.93
CA GLN D 53 -9.67 9.12 20.92
C GLN D 53 -9.31 7.90 21.76
N ILE D 54 -10.17 6.89 21.79
CA ILE D 54 -9.83 5.59 22.42
C ILE D 54 -9.10 4.71 21.40
N ALA D 55 -9.68 4.54 20.22
CA ALA D 55 -9.17 3.64 19.15
C ALA D 55 -7.72 4.01 18.73
N GLN D 56 -7.29 5.24 18.98
CA GLN D 56 -5.92 5.66 18.57
C GLN D 56 -4.89 4.80 19.33
N PHE D 57 -5.27 4.18 20.44
CA PHE D 57 -4.34 3.32 21.23
C PHE D 57 -4.47 1.83 20.87
N ALA D 58 -5.43 1.43 20.03
CA ALA D 58 -5.61 0.01 19.69
C ALA D 58 -4.51 -0.41 18.72
N PRO D 59 -3.96 -1.62 18.87
CA PRO D 59 -2.92 -2.08 17.94
C PRO D 59 -3.40 -2.65 16.60
N SER D 60 -2.59 -2.44 15.55
CA SER D 60 -2.73 -3.19 14.29
C SER D 60 -2.53 -4.68 14.60
N ALA D 61 -2.96 -5.56 13.71
CA ALA D 61 -2.70 -7.01 13.87
C ALA D 61 -1.16 -7.23 13.98
N SER D 62 -0.39 -6.51 13.15
CA SER D 62 1.07 -6.67 13.13
C SER D 62 1.64 -6.25 14.50
N ALA D 63 1.17 -5.11 15.02
CA ALA D 63 1.70 -4.58 16.29
C ALA D 63 1.20 -5.49 17.43
N PHE D 64 0.01 -6.05 17.31
CA PHE D 64 -0.51 -6.94 18.40
C PHE D 64 0.44 -8.13 18.57
N PHE D 65 0.81 -8.79 17.48
CA PHE D 65 1.74 -9.94 17.50
C PHE D 65 3.21 -9.50 17.64
N GLY D 66 3.55 -8.26 17.31
CA GLY D 66 4.91 -7.74 17.50
C GLY D 66 5.23 -7.31 18.92
N MET D 67 4.30 -6.64 19.59
CA MET D 67 4.55 -5.99 20.89
C MET D 67 4.20 -6.93 22.04
N SER D 68 3.24 -7.82 21.87
CA SER D 68 2.59 -8.56 22.98
C SER D 68 3.47 -9.75 23.42
N ARG D 69 3.26 -10.16 24.66
CA ARG D 69 3.75 -11.46 25.17
C ARG D 69 2.60 -12.45 24.95
N ILE D 70 2.83 -13.44 24.08
CA ILE D 70 1.82 -14.43 23.63
C ILE D 70 2.11 -15.75 24.32
N GLY D 71 1.08 -16.40 24.84
CA GLY D 71 1.16 -17.76 25.42
C GLY D 71 0.04 -18.61 24.92
N MET D 72 0.12 -19.92 25.17
N MET D 72 0.10 -19.92 25.20
CA MET D 72 -0.96 -20.88 24.85
CA MET D 72 -0.94 -20.90 24.85
C MET D 72 -1.19 -21.76 26.09
C MET D 72 -1.18 -21.74 26.10
N GLU D 73 -2.45 -21.90 26.47
CA GLU D 73 -2.87 -22.70 27.64
C GLU D 73 -3.93 -23.69 27.17
N VAL D 74 -3.82 -24.94 27.62
CA VAL D 74 -4.83 -26.00 27.35
C VAL D 74 -5.46 -26.35 28.69
N THR D 75 -6.75 -26.12 28.84
CA THR D 75 -7.45 -26.26 30.15
C THR D 75 -8.73 -27.06 29.90
N PRO D 76 -9.50 -27.38 30.96
CA PRO D 76 -10.77 -28.09 30.77
C PRO D 76 -11.74 -27.35 29.85
N SER D 77 -11.59 -26.03 29.67
CA SER D 77 -12.54 -25.23 28.87
C SER D 77 -12.09 -25.16 27.40
N GLY D 78 -10.85 -25.59 27.11
CA GLY D 78 -10.36 -25.51 25.72
C GLY D 78 -8.93 -25.01 25.62
N THR D 79 -8.59 -24.54 24.44
CA THR D 79 -7.25 -24.06 24.09
C THR D 79 -7.36 -22.53 23.96
N TRP D 80 -6.53 -21.84 24.72
CA TRP D 80 -6.56 -20.37 24.84
C TRP D 80 -5.24 -19.74 24.40
N LEU D 81 -5.35 -18.64 23.68
CA LEU D 81 -4.18 -17.83 23.32
C LEU D 81 -4.16 -16.66 24.27
N THR D 82 -3.14 -16.58 25.12
CA THR D 82 -3.05 -15.49 26.12
C THR D 82 -2.21 -14.35 25.54
N TYR D 83 -2.49 -13.14 26.00
CA TYR D 83 -1.73 -11.96 25.57
C TYR D 83 -1.61 -10.98 26.72
N THR D 84 -0.44 -10.35 26.80
N THR D 84 -0.45 -10.35 26.82
CA THR D 84 -0.17 -9.21 27.71
CA THR D 84 -0.26 -9.17 27.68
C THR D 84 0.67 -8.19 26.96
C THR D 84 0.65 -8.18 26.95
N GLY D 85 0.55 -6.92 27.31
CA GLY D 85 1.43 -5.91 26.73
C GLY D 85 1.17 -4.54 27.29
N ALA D 86 1.83 -3.56 26.72
CA ALA D 86 1.67 -2.14 27.16
C ALA D 86 1.94 -1.25 25.97
N ILE D 87 1.11 -0.24 25.80
CA ILE D 87 1.21 0.75 24.71
C ILE D 87 1.55 2.10 25.33
N LYS D 88 2.66 2.69 24.92
CA LYS D 88 3.13 3.93 25.56
C LYS D 88 2.31 5.12 25.03
N LEU D 89 1.82 5.96 25.93
CA LEU D 89 1.15 7.22 25.55
C LEU D 89 2.26 8.24 25.31
N ASP D 90 1.94 9.27 24.56
CA ASP D 90 2.91 10.36 24.32
C ASP D 90 2.64 11.45 25.35
N ASP D 91 3.42 11.48 26.44
CA ASP D 91 3.19 12.45 27.55
C ASP D 91 3.66 13.85 27.12
N LYS D 92 4.11 14.02 25.87
CA LYS D 92 4.46 15.35 25.31
C LYS D 92 3.31 15.87 24.45
N ASP D 93 2.34 15.04 24.09
CA ASP D 93 1.13 15.44 23.31
C ASP D 93 0.37 16.42 24.20
N PRO D 94 0.04 17.63 23.70
CA PRO D 94 -0.78 18.56 24.46
C PRO D 94 -2.10 17.90 24.91
N ASN D 95 -2.59 16.91 24.16
CA ASN D 95 -3.89 16.23 24.49
C ASN D 95 -3.70 15.13 25.53
N PHE D 96 -2.46 14.91 26.00
CA PHE D 96 -2.12 13.77 26.88
C PHE D 96 -3.00 13.76 28.13
N LYS D 97 -3.13 14.89 28.83
CA LYS D 97 -3.94 14.94 30.08
C LYS D 97 -5.38 14.46 29.82
N ASP D 98 -5.99 14.95 28.75
CA ASP D 98 -7.38 14.60 28.36
C ASP D 98 -7.44 13.10 28.00
N GLN D 99 -6.42 12.56 27.33
CA GLN D 99 -6.35 11.13 26.97
C GLN D 99 -6.37 10.27 28.23
N VAL D 100 -5.62 10.70 29.24
CA VAL D 100 -5.54 9.94 30.52
C VAL D 100 -6.88 10.00 31.24
N ILE D 101 -7.51 11.19 31.28
CA ILE D 101 -8.85 11.38 31.91
C ILE D 101 -9.86 10.49 31.17
N LEU D 102 -9.81 10.46 29.85
CA LEU D 102 -10.77 9.67 29.03
C LEU D 102 -10.59 8.19 29.33
N LEU D 103 -9.36 7.68 29.28
CA LEU D 103 -9.10 6.24 29.56
C LEU D 103 -9.52 5.90 31.01
N ASN D 104 -9.17 6.76 31.96
CA ASN D 104 -9.54 6.52 33.38
C ASN D 104 -11.07 6.53 33.57
N LYS D 105 -11.81 7.34 32.82
CA LYS D 105 -13.27 7.37 32.94
C LYS D 105 -13.82 5.95 32.63
N HIS D 106 -13.26 5.24 31.66
CA HIS D 106 -13.79 3.93 31.22
C HIS D 106 -13.18 2.77 32.00
N ILE D 107 -11.96 2.91 32.52
CA ILE D 107 -11.29 1.78 33.22
C ILE D 107 -12.05 1.51 34.53
N ASP D 108 -12.57 0.30 34.69
CA ASP D 108 -13.31 -0.15 35.91
C ASP D 108 -14.52 0.73 36.19
N ALA D 109 -15.10 1.39 35.20
CA ALA D 109 -16.33 2.19 35.41
C ALA D 109 -17.46 1.31 35.99
N TYR D 110 -17.51 0.04 35.61
CA TYR D 110 -18.63 -0.90 35.95
C TYR D 110 -18.76 -1.03 37.47
N LYS D 111 -17.69 -0.74 38.23
CA LYS D 111 -17.73 -0.90 39.71
C LYS D 111 -18.78 0.04 40.30
N THR D 112 -19.15 1.09 39.59
CA THR D 112 -20.04 2.15 40.14
C THR D 112 -21.49 1.93 39.76
N PHE D 113 -21.83 0.92 38.97
CA PHE D 113 -23.24 0.70 38.55
C PHE D 113 -23.56 -0.79 38.56
N PRO D 114 -24.86 -1.17 38.68
CA PRO D 114 -25.27 -2.56 38.60
C PRO D 114 -24.86 -3.17 37.25
N LYS E 6 2.89 16.99 -17.14
CA LYS E 6 3.64 15.98 -16.33
C LYS E 6 4.52 16.72 -15.30
N LYS E 7 4.74 16.11 -14.14
CA LYS E 7 5.76 16.57 -13.18
C LYS E 7 7.14 16.62 -13.85
N PRO E 8 8.08 17.38 -13.28
CA PRO E 8 9.49 17.24 -13.64
C PRO E 8 9.90 15.78 -13.44
N ARG E 9 10.77 15.28 -14.30
CA ARG E 9 11.10 13.85 -14.42
C ARG E 9 11.45 13.29 -13.03
N GLN E 10 12.24 14.02 -12.22
CA GLN E 10 12.76 13.47 -10.95
C GLN E 10 11.63 13.31 -9.92
N LYS E 11 10.46 13.94 -10.12
CA LYS E 11 9.34 13.82 -9.18
C LYS E 11 8.28 12.84 -9.69
N ARG E 12 8.48 12.20 -10.84
CA ARG E 12 7.48 11.25 -11.38
C ARG E 12 7.44 9.99 -10.51
N THR E 13 6.27 9.36 -10.49
CA THR E 13 6.05 8.06 -9.83
C THR E 13 5.52 7.12 -10.89
N ALA E 14 6.28 6.11 -11.26
CA ALA E 14 5.80 5.10 -12.23
C ALA E 14 4.76 4.20 -11.54
N THR E 15 3.71 3.86 -12.31
CA THR E 15 2.64 2.90 -11.94
C THR E 15 2.25 2.14 -13.19
N LYS E 16 1.34 1.18 -13.09
CA LYS E 16 0.84 0.45 -14.29
C LYS E 16 0.30 1.43 -15.33
N ALA E 17 -0.34 2.50 -14.88
CA ALA E 17 -0.96 3.49 -15.81
C ALA E 17 0.06 4.45 -16.43
N TYR E 18 1.27 4.53 -15.87
CA TYR E 18 2.34 5.44 -16.34
C TYR E 18 3.66 4.83 -15.91
N ASN E 19 4.18 3.95 -16.77
CA ASN E 19 5.15 2.89 -16.37
C ASN E 19 6.57 3.44 -16.44
N VAL E 20 7.54 2.60 -16.08
CA VAL E 20 8.95 3.05 -15.96
C VAL E 20 9.43 3.56 -17.32
N THR E 21 9.06 2.89 -18.39
CA THR E 21 9.50 3.31 -19.76
C THR E 21 8.91 4.69 -20.06
N GLN E 22 7.62 4.87 -19.79
CA GLN E 22 6.92 6.13 -20.13
C GLN E 22 7.52 7.26 -19.29
N ALA E 23 7.79 7.02 -18.01
CA ALA E 23 8.25 8.08 -17.08
C ALA E 23 9.74 8.38 -17.28
N PHE E 24 10.57 7.35 -17.48
CA PHE E 24 12.04 7.45 -17.30
C PHE E 24 12.79 6.92 -18.53
N GLY E 25 12.10 6.50 -19.58
CA GLY E 25 12.74 6.00 -20.81
C GLY E 25 13.14 4.54 -20.72
N ARG E 26 13.51 4.00 -21.88
CA ARG E 26 13.94 2.59 -22.01
C ARG E 26 15.15 2.32 -21.11
N ARG E 27 15.21 1.11 -20.56
CA ARG E 27 16.46 0.61 -19.94
C ARG E 27 17.53 0.42 -21.03
N GLY E 28 18.78 0.80 -20.77
CA GLY E 28 19.86 0.48 -21.72
C GLY E 28 21.23 0.71 -21.13
N PRO E 29 22.29 0.54 -21.95
CA PRO E 29 23.66 0.62 -21.49
C PRO E 29 24.27 2.03 -21.43
N GLU E 30 23.63 3.03 -22.04
CA GLU E 30 24.26 4.37 -22.20
C GLU E 30 24.24 5.11 -20.85
N GLN E 31 25.20 6.03 -20.66
CA GLN E 31 25.33 6.84 -19.43
C GLN E 31 24.01 7.59 -19.12
N THR E 32 23.26 7.96 -20.15
N THR E 32 23.25 7.96 -20.14
CA THR E 32 22.05 8.81 -20.07
CA THR E 32 22.05 8.84 -20.00
C THR E 32 20.80 7.97 -19.70
C THR E 32 20.80 7.98 -19.72
N GLN E 33 20.91 6.65 -19.75
CA GLN E 33 19.76 5.73 -19.59
C GLN E 33 19.78 5.10 -18.19
N GLY E 34 18.62 4.79 -17.65
CA GLY E 34 18.54 3.90 -16.48
C GLY E 34 18.84 2.49 -16.93
N ASN E 35 19.34 1.65 -16.02
CA ASN E 35 19.61 0.21 -16.29
C ASN E 35 18.83 -0.70 -15.35
N PHE E 36 18.04 -0.14 -14.45
CA PHE E 36 17.34 -0.96 -13.42
C PHE E 36 15.90 -1.34 -13.78
N GLY E 37 15.58 -2.63 -13.64
CA GLY E 37 14.21 -3.16 -13.77
C GLY E 37 14.08 -4.32 -14.72
N ASP E 38 13.48 -5.40 -14.24
CA ASP E 38 13.01 -6.50 -15.12
C ASP E 38 11.66 -6.07 -15.75
N GLN E 39 11.12 -6.93 -16.60
CA GLN E 39 9.94 -6.55 -17.40
C GLN E 39 8.76 -6.28 -16.48
N GLU E 40 8.63 -7.01 -15.37
CA GLU E 40 7.52 -6.84 -14.43
C GLU E 40 7.62 -5.49 -13.71
N LEU E 41 8.77 -5.14 -13.15
CA LEU E 41 8.97 -3.80 -12.53
C LEU E 41 8.77 -2.68 -13.57
N ILE E 42 9.27 -2.83 -14.79
CA ILE E 42 9.09 -1.76 -15.82
C ILE E 42 7.59 -1.55 -16.11
N ARG E 43 6.81 -2.62 -16.20
CA ARG E 43 5.37 -2.53 -16.55
C ARG E 43 4.57 -2.01 -15.32
N GLN E 44 5.00 -2.28 -14.09
CA GLN E 44 4.17 -1.99 -12.90
C GLN E 44 4.64 -0.76 -12.09
N GLY E 45 5.91 -0.38 -12.19
CA GLY E 45 6.51 0.66 -11.35
C GLY E 45 6.18 0.45 -9.90
N THR E 46 5.64 1.44 -9.22
CA THR E 46 5.39 1.33 -7.76
C THR E 46 4.24 0.34 -7.44
N ASP E 47 3.51 -0.18 -8.42
CA ASP E 47 2.47 -1.21 -8.22
C ASP E 47 3.15 -2.58 -8.11
N TYR E 48 4.43 -2.68 -8.50
CA TYR E 48 5.22 -3.94 -8.39
C TYR E 48 5.15 -4.51 -6.97
N LYS E 49 4.90 -5.83 -6.86
CA LYS E 49 4.61 -6.49 -5.56
C LYS E 49 5.80 -6.31 -4.61
N HIS E 50 7.05 -6.27 -5.11
CA HIS E 50 8.23 -6.11 -4.21
C HIS E 50 8.75 -4.68 -4.18
N TRP E 51 7.97 -3.70 -4.68
CA TRP E 51 8.43 -2.30 -4.77
C TRP E 51 8.96 -1.82 -3.40
N PRO E 52 8.25 -2.00 -2.25
CA PRO E 52 8.77 -1.50 -0.97
C PRO E 52 10.18 -2.01 -0.62
N GLN E 53 10.52 -3.24 -1.02
CA GLN E 53 11.84 -3.82 -0.74
C GLN E 53 12.93 -3.13 -1.58
N ILE E 54 12.56 -2.52 -2.71
CA ILE E 54 13.50 -1.73 -3.56
C ILE E 54 13.55 -0.31 -2.99
N ALA E 55 12.40 0.29 -2.73
CA ALA E 55 12.27 1.67 -2.26
C ALA E 55 13.02 1.91 -0.93
N GLN E 56 13.20 0.88 -0.11
CA GLN E 56 13.94 1.03 1.19
C GLN E 56 15.38 1.52 0.96
N PHE E 57 15.91 1.34 -0.25
CA PHE E 57 17.29 1.72 -0.62
C PHE E 57 17.35 3.13 -1.22
N ALA E 58 16.22 3.70 -1.62
CA ALA E 58 16.20 5.05 -2.24
C ALA E 58 16.42 6.10 -1.16
N PRO E 59 17.18 7.17 -1.48
CA PRO E 59 17.46 8.21 -0.49
C PRO E 59 16.32 9.22 -0.32
N SER E 60 16.10 9.64 0.93
CA SER E 60 15.34 10.86 1.29
C SER E 60 15.98 12.06 0.55
N ALA E 61 15.27 13.16 0.41
CA ALA E 61 15.80 14.39 -0.23
C ALA E 61 17.07 14.82 0.51
N SER E 62 17.03 14.81 1.83
CA SER E 62 18.17 15.19 2.69
C SER E 62 19.38 14.27 2.43
N ALA E 63 19.15 12.95 2.34
CA ALA E 63 20.24 11.98 2.13
C ALA E 63 20.76 12.11 0.71
N PHE E 64 19.88 12.37 -0.24
CA PHE E 64 20.31 12.53 -1.65
C PHE E 64 21.39 13.64 -1.70
N PHE E 65 21.11 14.78 -1.06
CA PHE E 65 22.03 15.95 -1.10
C PHE E 65 23.13 15.81 -0.05
N GLY E 66 22.95 14.95 0.96
CA GLY E 66 23.95 14.77 2.02
C GLY E 66 24.97 13.70 1.72
N MET E 67 24.59 12.62 1.04
N MET E 67 24.58 12.61 1.05
CA MET E 67 25.49 11.46 0.77
CA MET E 67 25.49 11.46 0.76
C MET E 67 26.18 11.59 -0.59
C MET E 67 26.20 11.62 -0.58
N SER E 68 25.53 12.21 -1.58
CA SER E 68 25.98 12.14 -2.98
C SER E 68 27.12 13.14 -3.23
N ARG E 69 27.90 12.87 -4.27
CA ARG E 69 28.76 13.84 -4.96
C ARG E 69 27.88 14.56 -5.98
N ILE E 70 27.66 15.87 -5.78
CA ILE E 70 26.73 16.67 -6.61
C ILE E 70 27.59 17.56 -7.51
N GLY E 71 27.20 17.66 -8.77
CA GLY E 71 27.89 18.49 -9.75
C GLY E 71 26.91 19.15 -10.68
N MET E 72 27.43 20.01 -11.55
CA MET E 72 26.64 20.63 -12.62
C MET E 72 27.39 20.38 -13.92
N GLU E 73 26.70 19.95 -14.96
CA GLU E 73 27.31 19.69 -16.29
C GLU E 73 26.44 20.40 -17.30
N VAL E 74 27.04 21.06 -18.28
CA VAL E 74 26.26 21.74 -19.35
C VAL E 74 26.63 21.02 -20.63
N THR E 75 25.63 20.52 -21.35
CA THR E 75 25.80 19.77 -22.61
C THR E 75 24.95 20.42 -23.67
N PRO E 76 25.03 19.97 -24.94
CA PRO E 76 24.13 20.47 -25.97
C PRO E 76 22.65 20.37 -25.60
N SER E 77 22.23 19.48 -24.69
CA SER E 77 20.79 19.32 -24.33
C SER E 77 20.38 20.25 -23.20
N GLY E 78 21.34 20.83 -22.46
CA GLY E 78 21.02 21.81 -21.40
C GLY E 78 21.92 21.67 -20.20
N THR E 79 21.40 22.09 -19.04
CA THR E 79 22.14 22.12 -17.75
C THR E 79 21.63 20.95 -16.91
N TRP E 80 22.54 20.18 -16.32
CA TRP E 80 22.23 18.94 -15.58
C TRP E 80 22.86 18.99 -14.20
N LEU E 81 22.08 18.56 -13.21
CA LEU E 81 22.58 18.29 -11.85
C LEU E 81 23.05 16.84 -11.84
N THR E 82 24.35 16.63 -11.67
CA THR E 82 24.92 15.26 -11.63
C THR E 82 24.96 14.75 -10.20
N TYR E 83 24.84 13.45 -10.04
CA TYR E 83 24.90 12.81 -8.72
C TYR E 83 25.54 11.44 -8.86
N THR E 84 26.37 11.10 -7.88
CA THR E 84 26.95 9.75 -7.75
C THR E 84 27.08 9.42 -6.27
N GLY E 85 27.03 8.14 -5.94
CA GLY E 85 27.36 7.72 -4.57
C GLY E 85 27.22 6.23 -4.41
N ALA E 86 27.23 5.78 -3.16
CA ALA E 86 27.10 4.35 -2.84
C ALA E 86 26.36 4.18 -1.51
N ILE E 87 25.47 3.22 -1.48
CA ILE E 87 24.63 2.93 -0.29
C ILE E 87 25.04 1.57 0.24
N LYS E 88 25.42 1.50 1.51
CA LYS E 88 25.91 0.23 2.07
C LYS E 88 24.71 -0.59 2.50
N LEU E 89 24.62 -1.83 2.01
CA LEU E 89 23.65 -2.81 2.55
C LEU E 89 24.15 -3.26 3.92
N ASP E 90 23.23 -3.70 4.75
CA ASP E 90 23.59 -4.14 6.12
C ASP E 90 23.65 -5.66 6.10
N ASP E 91 24.83 -6.26 6.05
CA ASP E 91 24.92 -7.74 5.92
C ASP E 91 24.45 -8.43 7.22
N LYS E 92 24.18 -7.69 8.29
CA LYS E 92 23.51 -8.22 9.52
C LYS E 92 21.97 -8.16 9.42
N ASP E 93 21.43 -7.45 8.43
CA ASP E 93 19.96 -7.44 8.16
C ASP E 93 19.53 -8.87 7.84
N PRO E 94 18.55 -9.46 8.57
CA PRO E 94 18.11 -10.83 8.30
C PRO E 94 17.58 -11.00 6.88
N ASN E 95 17.20 -9.91 6.20
CA ASN E 95 16.74 -9.99 4.80
C ASN E 95 17.86 -9.76 3.79
N PHE E 96 19.11 -9.61 4.24
CA PHE E 96 20.25 -9.32 3.33
C PHE E 96 20.23 -10.22 2.09
N LYS E 97 20.17 -11.54 2.28
CA LYS E 97 20.28 -12.52 1.16
C LYS E 97 19.12 -12.31 0.18
N ASP E 98 17.91 -12.04 0.68
CA ASP E 98 16.75 -11.79 -0.19
C ASP E 98 16.93 -10.46 -0.93
N GLN E 99 17.53 -9.47 -0.27
CA GLN E 99 17.74 -8.13 -0.86
C GLN E 99 18.73 -8.26 -2.01
N VAL E 100 19.80 -9.03 -1.81
CA VAL E 100 20.79 -9.26 -2.88
C VAL E 100 20.10 -9.92 -4.08
N ILE E 101 19.33 -10.96 -3.85
CA ILE E 101 18.63 -11.71 -4.95
C ILE E 101 17.67 -10.73 -5.66
N LEU E 102 16.96 -9.92 -4.91
CA LEU E 102 15.98 -8.99 -5.57
C LEU E 102 16.72 -7.93 -6.39
N LEU E 103 17.79 -7.34 -5.83
CA LEU E 103 18.55 -6.35 -6.62
C LEU E 103 19.18 -7.02 -7.85
N ASN E 104 19.66 -8.26 -7.72
CA ASN E 104 20.30 -8.98 -8.85
C ASN E 104 19.30 -9.26 -9.97
N LYS E 105 18.02 -9.41 -9.62
CA LYS E 105 16.92 -9.67 -10.59
C LYS E 105 16.71 -8.42 -11.45
N HIS E 106 17.05 -7.21 -10.97
CA HIS E 106 16.67 -5.97 -11.70
C HIS E 106 17.87 -5.26 -12.33
N ILE E 107 19.07 -5.36 -11.73
CA ILE E 107 20.22 -4.62 -12.28
C ILE E 107 20.57 -5.21 -13.65
N ASP E 108 20.51 -4.38 -14.69
CA ASP E 108 20.83 -4.79 -16.08
C ASP E 108 19.98 -5.96 -16.56
N ALA E 109 18.76 -6.13 -16.01
CA ALA E 109 17.81 -7.17 -16.45
C ALA E 109 17.49 -7.02 -17.95
N TYR E 110 17.50 -5.80 -18.47
CA TYR E 110 17.09 -5.52 -19.87
C TYR E 110 17.98 -6.29 -20.85
N LYS E 111 19.20 -6.64 -20.49
CA LYS E 111 20.11 -7.37 -21.40
C LYS E 111 19.53 -8.73 -21.80
N THR E 112 18.62 -9.28 -21.02
CA THR E 112 18.04 -10.64 -21.25
C THR E 112 16.64 -10.58 -21.85
N PHE E 113 16.09 -9.41 -22.12
CA PHE E 113 14.69 -9.32 -22.58
C PHE E 113 14.61 -9.95 -23.96
N PRO E 114 13.58 -10.78 -24.22
CA PRO E 114 13.31 -11.29 -25.56
C PRO E 114 13.11 -10.10 -26.52
N LYS F 6 19.83 4.10 14.82
CA LYS F 6 18.72 4.88 14.18
C LYS F 6 18.57 4.46 12.70
N LYS F 7 18.14 5.38 11.83
CA LYS F 7 17.70 5.03 10.46
C LYS F 7 18.91 4.59 9.63
N PRO F 8 18.70 3.73 8.61
CA PRO F 8 19.70 3.54 7.58
C PRO F 8 20.08 4.93 7.03
N ARG F 9 21.33 5.08 6.66
CA ARG F 9 21.92 6.37 6.23
C ARG F 9 21.03 7.01 5.16
N GLN F 10 20.57 6.22 4.19
CA GLN F 10 19.84 6.77 3.02
C GLN F 10 18.47 7.31 3.41
N LYS F 11 17.94 6.96 4.59
CA LYS F 11 16.60 7.47 5.00
C LYS F 11 16.74 8.56 6.07
N ARG F 12 17.96 8.94 6.46
CA ARG F 12 18.12 10.00 7.49
C ARG F 12 17.63 11.34 6.96
N THR F 13 17.10 12.15 7.86
CA THR F 13 16.75 13.57 7.57
C THR F 13 17.63 14.45 8.46
N ALA F 14 18.44 15.31 7.86
CA ALA F 14 19.21 16.32 8.62
C ALA F 14 18.29 17.48 9.02
N THR F 15 18.49 17.98 10.24
CA THR F 15 17.83 19.16 10.86
C THR F 15 18.85 19.90 11.75
N LYS F 16 18.47 21.01 12.36
CA LYS F 16 19.37 21.70 13.33
C LYS F 16 19.77 20.73 14.45
N ALA F 17 18.89 19.82 14.84
CA ALA F 17 19.10 18.91 15.99
C ALA F 17 19.92 17.69 15.59
N TYR F 18 20.00 17.40 14.28
CA TYR F 18 20.76 16.25 13.74
C TYR F 18 21.30 16.67 12.36
N ASN F 19 22.49 17.26 12.35
CA ASN F 19 22.91 18.14 11.24
C ASN F 19 23.54 17.29 10.13
N VAL F 20 23.91 17.92 9.03
CA VAL F 20 24.37 17.18 7.81
C VAL F 20 25.63 16.37 8.18
N THR F 21 26.54 16.94 8.98
CA THR F 21 27.79 16.24 9.36
C THR F 21 27.45 15.03 10.24
N GLN F 22 26.56 15.22 11.19
CA GLN F 22 26.12 14.15 12.13
C GLN F 22 25.47 13.03 11.33
N ALA F 23 24.60 13.37 10.38
CA ALA F 23 23.82 12.39 9.59
C ALA F 23 24.68 11.76 8.48
N PHE F 24 25.52 12.53 7.79
CA PHE F 24 26.08 12.10 6.48
C PHE F 24 27.59 12.23 6.46
N GLY F 25 28.21 12.65 7.57
CA GLY F 25 29.68 12.81 7.62
C GLY F 25 30.12 14.16 7.09
N ARG F 26 31.38 14.50 7.40
CA ARG F 26 32.00 15.76 6.96
C ARG F 26 32.03 15.76 5.42
N ARG F 27 31.77 16.91 4.83
CA ARG F 27 31.90 17.13 3.38
C ARG F 27 33.36 16.91 2.98
N GLY F 28 33.59 16.41 1.78
CA GLY F 28 34.98 16.29 1.29
C GLY F 28 35.06 15.80 -0.14
N PRO F 29 36.29 15.54 -0.65
CA PRO F 29 36.52 15.30 -2.07
C PRO F 29 36.47 13.85 -2.54
N GLU F 30 36.34 12.90 -1.61
CA GLU F 30 36.58 11.48 -1.93
C GLU F 30 35.32 10.91 -2.57
N GLN F 31 35.50 9.95 -3.48
CA GLN F 31 34.34 9.26 -4.09
C GLN F 31 33.61 8.66 -2.90
N THR F 32 32.29 8.79 -2.80
CA THR F 32 31.51 8.22 -1.66
C THR F 32 31.44 9.18 -0.47
N GLN F 33 32.14 10.33 -0.51
CA GLN F 33 32.01 11.41 0.50
C GLN F 33 31.11 12.50 -0.10
N GLY F 34 30.15 13.00 0.65
CA GLY F 34 29.27 14.08 0.17
C GLY F 34 30.07 15.37 0.00
N ASN F 35 29.78 16.17 -1.02
CA ASN F 35 30.48 17.45 -1.32
C ASN F 35 29.53 18.64 -1.24
N PHE F 36 28.29 18.41 -0.85
CA PHE F 36 27.23 19.45 -0.93
C PHE F 36 26.86 20.05 0.42
N GLY F 37 26.93 21.38 0.46
CA GLY F 37 26.44 22.20 1.55
C GLY F 37 27.47 23.21 2.00
N ASP F 38 27.05 24.48 2.07
CA ASP F 38 27.84 25.53 2.76
C ASP F 38 27.61 25.37 4.28
N GLN F 39 28.20 26.25 5.08
CA GLN F 39 28.18 26.08 6.55
C GLN F 39 26.76 26.21 7.09
N GLU F 40 25.93 27.05 6.46
CA GLU F 40 24.54 27.28 6.91
C GLU F 40 23.71 26.01 6.65
N LEU F 41 23.81 25.42 5.45
CA LEU F 41 23.03 24.20 5.11
C LEU F 41 23.58 23.01 5.92
N ILE F 42 24.88 22.92 6.09
CA ILE F 42 25.44 21.85 6.97
C ILE F 42 24.79 21.92 8.36
N ARG F 43 24.69 23.11 8.95
CA ARG F 43 24.21 23.27 10.34
C ARG F 43 22.70 23.05 10.42
N GLN F 44 21.92 23.33 9.36
CA GLN F 44 20.44 23.38 9.45
C GLN F 44 19.75 22.21 8.74
N GLY F 45 20.40 21.56 7.79
CA GLY F 45 19.75 20.49 7.02
C GLY F 45 18.43 20.96 6.46
N THR F 46 17.35 20.20 6.67
CA THR F 46 16.02 20.50 6.09
C THR F 46 15.37 21.70 6.81
N ASP F 47 16.01 22.27 7.84
CA ASP F 47 15.53 23.54 8.48
C ASP F 47 16.08 24.74 7.71
N TYR F 48 17.00 24.52 6.77
CA TYR F 48 17.57 25.59 5.91
C TYR F 48 16.44 26.33 5.20
N LYS F 49 16.45 27.66 5.22
CA LYS F 49 15.30 28.46 4.72
C LYS F 49 15.08 28.26 3.22
N HIS F 50 16.09 27.89 2.45
CA HIS F 50 15.93 27.67 0.99
C HIS F 50 15.92 26.17 0.67
N TRP F 51 15.71 25.32 1.66
CA TRP F 51 15.61 23.85 1.43
C TRP F 51 14.59 23.51 0.33
N PRO F 52 13.37 24.08 0.25
CA PRO F 52 12.45 23.71 -0.83
C PRO F 52 13.05 23.89 -2.24
N GLN F 53 13.90 24.90 -2.43
CA GLN F 53 14.45 25.19 -3.78
C GLN F 53 15.58 24.19 -4.11
N ILE F 54 16.13 23.51 -3.11
CA ILE F 54 17.13 22.42 -3.32
C ILE F 54 16.35 21.12 -3.52
N ALA F 55 15.38 20.83 -2.66
CA ALA F 55 14.65 19.55 -2.61
C ALA F 55 13.82 19.34 -3.88
N GLN F 56 13.45 20.42 -4.62
CA GLN F 56 12.71 20.27 -5.89
C GLN F 56 13.54 19.41 -6.86
N PHE F 57 14.85 19.24 -6.65
CA PHE F 57 15.73 18.47 -7.58
C PHE F 57 15.95 17.05 -7.04
N ALA F 58 15.58 16.78 -5.79
CA ALA F 58 15.74 15.41 -5.22
C ALA F 58 14.75 14.45 -5.88
N PRO F 59 15.20 13.23 -6.23
CA PRO F 59 14.32 12.28 -6.91
C PRO F 59 13.38 11.51 -5.97
N SER F 60 12.17 11.21 -6.46
CA SER F 60 11.25 10.23 -5.84
C SER F 60 11.98 8.89 -5.81
N ALA F 61 11.53 7.96 -4.96
CA ALA F 61 12.11 6.59 -4.97
C ALA F 61 12.00 6.00 -6.37
N SER F 62 10.86 6.20 -7.05
CA SER F 62 10.59 5.64 -8.37
C SER F 62 11.58 6.23 -9.37
N ALA F 63 11.78 7.55 -9.32
CA ALA F 63 12.70 8.23 -10.26
C ALA F 63 14.15 7.85 -9.95
N PHE F 64 14.50 7.69 -8.68
CA PHE F 64 15.87 7.28 -8.30
C PHE F 64 16.21 5.95 -8.97
N PHE F 65 15.30 4.97 -8.90
CA PHE F 65 15.53 3.65 -9.52
C PHE F 65 15.19 3.64 -11.01
N GLY F 66 14.48 4.65 -11.54
CA GLY F 66 14.15 4.70 -12.96
C GLY F 66 15.19 5.43 -13.79
N MET F 67 15.78 6.49 -13.25
N MET F 67 15.76 6.49 -13.25
CA MET F 67 16.73 7.38 -13.98
CA MET F 67 16.72 7.39 -13.96
C MET F 67 18.18 6.93 -13.79
C MET F 67 18.16 6.86 -13.82
N SER F 68 18.51 6.34 -12.64
CA SER F 68 19.93 6.10 -12.26
C SER F 68 20.51 4.87 -12.97
N ARG F 69 21.83 4.88 -13.05
CA ARG F 69 22.63 3.67 -13.33
C ARG F 69 22.94 3.03 -11.99
N ILE F 70 22.42 1.83 -11.77
CA ILE F 70 22.50 1.12 -10.47
C ILE F 70 23.49 -0.03 -10.62
N GLY F 71 24.34 -0.18 -9.62
CA GLY F 71 25.27 -1.31 -9.60
C GLY F 71 25.38 -1.90 -8.22
N MET F 72 26.07 -3.03 -8.12
N MET F 72 26.08 -3.03 -8.12
CA MET F 72 26.31 -3.71 -6.83
CA MET F 72 26.31 -3.70 -6.83
C MET F 72 27.79 -4.05 -6.79
C MET F 72 27.78 -4.10 -6.76
N GLU F 73 28.48 -3.68 -5.71
CA GLU F 73 29.90 -4.02 -5.52
C GLU F 73 30.05 -4.74 -4.19
N VAL F 74 30.82 -5.83 -4.17
CA VAL F 74 31.15 -6.52 -2.92
C VAL F 74 32.64 -6.28 -2.67
N THR F 75 32.97 -5.65 -1.56
CA THR F 75 34.35 -5.25 -1.23
C THR F 75 34.65 -5.68 0.20
N PRO F 76 35.89 -5.51 0.70
CA PRO F 76 36.18 -5.85 2.08
C PRO F 76 35.32 -5.07 3.08
N SER F 77 34.73 -3.91 2.70
CA SER F 77 33.90 -3.12 3.66
C SER F 77 32.43 -3.56 3.65
N GLY F 78 32.03 -4.28 2.61
CA GLY F 78 30.65 -4.81 2.56
C GLY F 78 30.11 -4.79 1.15
N THR F 79 28.79 -4.86 1.07
CA THR F 79 28.07 -4.89 -0.20
C THR F 79 27.44 -3.52 -0.40
N TRP F 80 27.74 -2.90 -1.53
CA TRP F 80 27.36 -1.51 -1.83
C TRP F 80 26.45 -1.42 -3.06
N LEU F 81 25.41 -0.62 -2.95
CA LEU F 81 24.53 -0.28 -4.08
C LEU F 81 25.04 1.06 -4.60
N THR F 82 25.70 1.04 -5.75
CA THR F 82 26.26 2.24 -6.41
C THR F 82 25.20 2.89 -7.30
N TYR F 83 25.25 4.21 -7.38
CA TYR F 83 24.28 4.95 -8.22
C TYR F 83 24.99 6.13 -8.87
N THR F 84 24.65 6.37 -10.14
N THR F 84 24.59 6.43 -10.11
CA THR F 84 24.99 7.62 -10.87
CA THR F 84 24.99 7.68 -10.80
C THR F 84 23.77 8.07 -11.68
C THR F 84 23.86 8.07 -11.75
N GLY F 85 23.67 9.37 -11.95
CA GLY F 85 22.74 9.89 -12.94
C GLY F 85 22.82 11.38 -13.00
N ALA F 86 21.81 11.95 -13.64
CA ALA F 86 21.78 13.39 -13.87
C ALA F 86 20.33 13.81 -13.99
N ILE F 87 20.03 14.93 -13.39
CA ILE F 87 18.68 15.55 -13.39
C ILE F 87 18.70 16.84 -14.20
N LYS F 88 17.84 16.94 -15.21
CA LYS F 88 17.84 18.11 -16.11
C LYS F 88 17.16 19.30 -15.44
N LEU F 89 17.84 20.44 -15.42
CA LEU F 89 17.21 21.71 -14.99
C LEU F 89 16.42 22.27 -16.17
N ASP F 90 15.39 23.05 -15.87
CA ASP F 90 14.57 23.66 -16.94
C ASP F 90 15.11 25.05 -17.23
N ASP F 91 15.97 25.22 -18.24
CA ASP F 91 16.60 26.52 -18.56
C ASP F 91 15.59 27.50 -19.17
N LYS F 92 14.32 27.13 -19.36
CA LYS F 92 13.24 28.08 -19.73
C LYS F 92 12.46 28.59 -18.50
N ASP F 93 12.62 27.97 -17.34
CA ASP F 93 12.00 28.44 -16.07
C ASP F 93 12.61 29.79 -15.75
N PRO F 94 11.79 30.84 -15.50
CA PRO F 94 12.31 32.15 -15.10
C PRO F 94 13.22 32.08 -13.86
N ASN F 95 13.03 31.05 -13.02
CA ASN F 95 13.77 30.86 -11.74
C ASN F 95 15.08 30.09 -11.99
N PHE F 96 15.33 29.69 -13.23
CA PHE F 96 16.51 28.87 -13.58
C PHE F 96 17.82 29.51 -13.09
N LYS F 97 18.08 30.78 -13.43
CA LYS F 97 19.33 31.46 -13.01
C LYS F 97 19.51 31.32 -11.48
N ASP F 98 18.47 31.64 -10.70
CA ASP F 98 18.54 31.55 -9.21
C ASP F 98 18.72 30.10 -8.75
N GLN F 99 18.13 29.13 -9.43
CA GLN F 99 18.36 27.70 -9.11
C GLN F 99 19.84 27.37 -9.26
N VAL F 100 20.44 27.76 -10.40
CA VAL F 100 21.86 27.45 -10.67
C VAL F 100 22.72 28.14 -9.60
N ILE F 101 22.45 29.40 -9.26
CA ILE F 101 23.24 30.12 -8.21
C ILE F 101 23.14 29.36 -6.89
N LEU F 102 21.93 28.92 -6.51
CA LEU F 102 21.72 28.25 -5.21
C LEU F 102 22.52 26.93 -5.20
N LEU F 103 22.43 26.12 -6.26
CA LEU F 103 23.11 24.81 -6.23
C LEU F 103 24.63 25.05 -6.19
N ASN F 104 25.14 26.03 -6.96
CA ASN F 104 26.59 26.31 -7.03
C ASN F 104 27.11 26.86 -5.70
N LYS F 105 26.28 27.58 -4.97
CA LYS F 105 26.66 28.04 -3.61
C LYS F 105 27.05 26.86 -2.70
N HIS F 106 26.42 25.70 -2.87
CA HIS F 106 26.58 24.54 -1.95
C HIS F 106 27.56 23.51 -2.52
N ILE F 107 27.65 23.38 -3.82
CA ILE F 107 28.58 22.40 -4.45
C ILE F 107 30.02 22.77 -4.08
N ASP F 108 30.72 21.90 -3.39
CA ASP F 108 32.15 22.09 -2.99
C ASP F 108 32.35 23.35 -2.14
N ALA F 109 31.33 23.83 -1.44
CA ALA F 109 31.50 24.99 -0.53
C ALA F 109 32.58 24.64 0.53
N TYR F 110 32.65 23.37 0.96
CA TYR F 110 33.55 22.92 2.06
C TYR F 110 35.00 23.29 1.74
N LYS F 111 35.34 23.50 0.47
CA LYS F 111 36.75 23.82 0.10
C LYS F 111 37.20 25.12 0.78
N THR F 112 36.27 26.01 1.13
CA THR F 112 36.60 27.39 1.56
C THR F 112 36.65 27.50 3.08
N PHE F 113 36.44 26.42 3.82
CA PHE F 113 36.44 26.50 5.30
C PHE F 113 37.04 25.22 5.87
N PRO F 114 37.59 25.28 7.10
CA PRO F 114 38.11 24.07 7.74
C PRO F 114 37.00 23.00 7.83
C1 GKP G . -7.16 4.59 -38.81
C10 GKP G . -12.37 7.60 -36.30
C11 GKP G . -13.24 6.61 -37.07
C12 GKP G . -12.42 8.08 -34.80
C13 GKP G . -11.70 10.49 -34.49
C14 GKP G . -11.54 11.70 -35.40
C15 GKP G . -11.62 12.93 -34.86
C16 GKP G . -11.54 14.44 -35.15
C17 GKP G . -11.42 14.71 -36.52
C18 GKP G . -11.33 16.00 -36.96
C19 GKP G . -11.34 17.04 -36.03
C2 GKP G . -6.18 3.86 -39.49
C20 GKP G . -11.47 16.79 -34.66
C21 GKP G . -11.56 15.46 -34.21
C22 GKP G . -13.74 7.90 -34.02
C3 GKP G . -4.83 4.12 -39.23
C4 GKP G . -4.45 5.09 -38.29
C5 GKP G . -5.42 5.79 -37.61
C6 GKP G . -6.76 5.53 -37.86
C7 GKP G . -7.71 6.40 -37.08
C8 GKP G . -9.01 6.13 -36.91
C9 GKP G . -10.05 6.99 -36.17
O1 GKP G . -9.84 7.18 -35.02
O10 GKP G . -14.65 8.75 -34.25
O11 GKP G . -3.10 5.36 -38.01
O12 GKP G . -3.85 3.40 -39.92
O2 GKP G . -11.07 7.65 -36.87
O3 GKP G . -14.31 6.99 -37.58
O4 GKP G . -12.87 5.42 -37.31
O5 GKP G . -12.43 9.47 -35.12
O6 GKP G . -11.24 10.45 -33.39
O7 GKP G . -11.24 18.34 -36.52
O8 GKP G . -11.20 16.23 -38.36
O9 GKP G . -13.97 6.97 -33.14
C1 PEG H . -25.96 -9.04 -24.54
O1 PEG H . -26.86 -10.04 -24.94
C2 PEG H . -24.69 -9.08 -25.31
O2 PEG H . -24.41 -7.79 -25.86
C3 PEG H . -23.70 -7.81 -27.09
C4 PEG H . -24.26 -8.82 -28.04
O4 PEG H . -25.68 -8.79 -28.07
C1 GOL I . -6.99 -3.62 -14.21
O1 GOL I . -6.05 -4.64 -14.50
C2 GOL I . -6.33 -2.32 -13.78
O2 GOL I . -7.25 -1.26 -13.96
C3 GOL I . -5.82 -2.34 -12.35
O3 GOL I . -5.69 -1.02 -11.81
NA NA J . -21.05 17.53 -14.77
C1 GOL K . -9.16 13.40 24.18
O1 GOL K . -7.95 13.87 23.61
C2 GOL K . -10.30 14.42 24.18
O2 GOL K . -10.82 14.70 22.87
C3 GOL K . -11.43 13.96 25.06
O3 GOL K . -11.41 14.64 26.32
CL CL L . 24.02 14.59 -19.04
C1 PEG M . 35.64 -4.46 -5.49
O1 PEG M . 36.60 -4.54 -4.43
C2 PEG M . 35.22 -5.81 -5.97
O2 PEG M . 33.92 -5.72 -6.56
C3 PEG M . 33.16 -6.92 -6.47
C4 PEG M . 31.80 -6.73 -7.08
O4 PEG M . 30.99 -7.90 -7.05
C1 GOL N . 15.21 31.87 -5.06
O1 GOL N . 14.03 31.19 -4.67
C2 GOL N . 16.33 30.90 -5.39
O2 GOL N . 16.96 30.53 -4.17
C3 GOL N . 15.91 29.68 -6.20
O3 GOL N . 14.77 29.87 -7.04
#